data_7KMM
#
_entry.id   7KMM
#
_cell.length_a   77.852
_cell.length_b   63.497
_cell.length_c   88.284
_cell.angle_alpha   90.000
_cell.angle_beta   98.150
_cell.angle_gamma   90.000
#
_symmetry.space_group_name_H-M   'P 1 21 1'
#
loop_
_entity.id
_entity.type
_entity.pdbx_description
1 polymer 'Sialic acid-specific 9-O-acetylesterase'
2 non-polymer 'ZINC ION'
3 water water
#
_entity_poly.entity_id   1
_entity_poly.type   'polypeptide(L)'
_entity_poly.pdbx_seq_one_letter_code
;MGSSHHHHHHSSGLVPRGSHMVPTLPLLLADGAVLQRDQPMPVWGWSSPNAAIAVSFDGKRATVKADATGQWKVRLPAHA
AGGPYVLRVQGDGGELQVRDVLVGDVWLAGGQ(SEB)NMEWPLAQASDGPQAVAAANDAQLRQFKVPKSWSVQPQARLTG
GEWKAATPANAGEFTAVGYFFAKELRASTGVPIGIVNSTWGGSAIEAWMDAASLGLNADQNQGAIEAIKQRDAAAQAATG
KRIARWPKVEDEMPQWREAAFDDSDWDSIPVTKQWESSGYDGMDGIAWYRTTITLSAAEAKAGITLGVGQIDDSDTTYVN
GQQVGSTEKQWNLPRVYQVPAAALKAGVNHIAVRVEDLSGGGGMHGPDEQRFVQTSAGAKRALDGWKFRPAAVRVSLTDN
KNQLPTLLYNQMIHPLQPFPVKGVIWYQGETNATDTGAVKYREQFAAMIRQWRAERGDKTLPFLWVQLANFKAGGDKGEL
SPWALLRESQSKTLALPATGQAVIIDIGNPTDIHPTNKRDVGHRLALAARHVAYGETLVYSAPVFKRASFDGGKAVLGFD
LQGSALQVRGGGAVQGFRIAGADQRFHPATAQIDGDRVIVRSDAVAAPVAVRYGWSENPDDANLINRDALPVSPFRTDTW
;
_entity_poly.pdbx_strand_id   A,B
#
# COMPACT_ATOMS: atom_id res chain seq x y z
N VAL A 22 -6.17 -62.57 14.08
CA VAL A 22 -5.39 -61.39 14.41
C VAL A 22 -5.88 -60.16 13.62
N PRO A 23 -6.67 -59.31 14.27
CA PRO A 23 -7.35 -58.22 13.56
C PRO A 23 -6.42 -57.06 13.25
N THR A 24 -6.85 -56.25 12.28
CA THR A 24 -6.16 -55.01 11.92
C THR A 24 -7.15 -53.86 11.98
N LEU A 25 -6.61 -52.65 12.13
CA LEU A 25 -7.35 -51.41 12.30
C LEU A 25 -6.95 -50.39 11.25
N PRO A 26 -7.82 -49.43 10.95
CA PRO A 26 -7.45 -48.35 10.02
C PRO A 26 -6.43 -47.40 10.64
N LEU A 27 -5.75 -46.67 9.76
CA LEU A 27 -4.61 -45.86 10.17
C LEU A 27 -5.00 -44.73 11.13
N LEU A 28 -6.27 -44.29 11.07
CA LEU A 28 -6.76 -43.27 11.97
C LEU A 28 -6.95 -43.78 13.40
N LEU A 29 -7.25 -45.06 13.57
CA LEU A 29 -7.45 -45.65 14.90
C LEU A 29 -6.14 -46.29 15.36
N ALA A 30 -5.20 -45.41 15.69
CA ALA A 30 -3.84 -45.79 16.06
C ALA A 30 -3.42 -45.04 17.32
N ASP A 31 -2.25 -45.41 17.85
CA ASP A 31 -1.72 -44.76 19.06
C ASP A 31 -1.80 -43.24 18.96
N GLY A 32 -2.32 -42.60 20.01
CA GLY A 32 -2.36 -41.16 20.07
C GLY A 32 -3.57 -40.49 19.46
N ALA A 33 -4.56 -41.26 19.00
CA ALA A 33 -5.72 -40.70 18.29
C ALA A 33 -6.57 -39.82 19.20
N VAL A 34 -7.21 -38.81 18.59
CA VAL A 34 -8.32 -38.07 19.22
C VAL A 34 -9.63 -38.53 18.58
N LEU A 35 -10.57 -39.00 19.40
CA LEU A 35 -11.87 -39.46 18.95
C LEU A 35 -12.95 -38.44 19.29
N GLN A 36 -13.92 -38.29 18.39
CA GLN A 36 -14.97 -37.28 18.56
C GLN A 36 -15.85 -37.61 19.75
N ARG A 37 -15.98 -36.66 20.66
CA ARG A 37 -16.74 -36.79 21.89
C ARG A 37 -18.23 -36.61 21.63
N ASP A 38 -19.04 -37.12 22.56
CA ASP A 38 -20.47 -36.79 22.68
C ASP A 38 -21.26 -37.17 21.44
N GLN A 39 -20.78 -38.16 20.71
CA GLN A 39 -21.58 -38.82 19.68
C GLN A 39 -21.06 -40.23 19.52
N PRO A 40 -21.83 -41.12 18.87
CA PRO A 40 -21.43 -42.53 18.78
C PRO A 40 -20.02 -42.71 18.23
N MET A 41 -19.34 -43.73 18.74
CA MET A 41 -17.94 -43.96 18.46
C MET A 41 -17.74 -45.19 17.57
N PRO A 42 -17.58 -45.03 16.26
CA PRO A 42 -17.39 -46.22 15.41
C PRO A 42 -15.96 -46.75 15.51
N VAL A 43 -15.85 -48.07 15.56
CA VAL A 43 -14.56 -48.75 15.45
C VAL A 43 -14.73 -49.82 14.39
N TRP A 44 -13.88 -49.79 13.38
CA TRP A 44 -14.02 -50.68 12.24
C TRP A 44 -12.65 -51.22 11.88
N GLY A 45 -12.63 -52.29 11.09
CA GLY A 45 -11.37 -52.90 10.69
C GLY A 45 -11.61 -54.20 9.96
N TRP A 46 -10.56 -55.02 9.92
CA TRP A 46 -10.57 -56.25 9.15
C TRP A 46 -10.05 -57.42 9.99
N SER A 47 -10.31 -58.62 9.49
CA SER A 47 -9.94 -59.86 10.17
C SER A 47 -10.28 -61.01 9.22
N SER A 48 -10.26 -62.23 9.75
CA SER A 48 -10.72 -63.38 8.99
C SER A 48 -12.22 -63.27 8.75
N PRO A 49 -12.71 -63.84 7.65
CA PRO A 49 -14.16 -63.84 7.41
C PRO A 49 -14.90 -64.45 8.60
N ASN A 50 -16.00 -63.81 8.97
CA ASN A 50 -16.86 -64.25 10.07
C ASN A 50 -16.09 -64.43 11.37
N ALA A 51 -14.99 -63.70 11.55
CA ALA A 51 -14.26 -63.78 12.80
C ALA A 51 -15.02 -63.06 13.93
N ALA A 52 -14.90 -63.62 15.14
CA ALA A 52 -15.51 -63.00 16.31
C ALA A 52 -14.55 -61.95 16.87
N ILE A 53 -15.08 -60.75 17.12
CA ILE A 53 -14.29 -59.58 17.46
C ILE A 53 -14.90 -58.92 18.68
N ALA A 54 -14.06 -58.50 19.62
CA ALA A 54 -14.50 -57.72 20.77
C ALA A 54 -13.71 -56.41 20.81
N VAL A 55 -14.42 -55.31 21.08
CA VAL A 55 -13.83 -53.97 21.16
C VAL A 55 -14.19 -53.38 22.51
N SER A 56 -13.19 -52.91 23.25
CA SER A 56 -13.43 -52.30 24.55
C SER A 56 -12.75 -50.94 24.67
N PHE A 57 -13.43 -50.01 25.36
CA PHE A 57 -12.93 -48.65 25.51
C PHE A 57 -13.51 -48.06 26.79
N ASP A 58 -12.63 -47.68 27.73
CA ASP A 58 -13.01 -47.12 29.03
C ASP A 58 -14.14 -47.91 29.68
N GLY A 59 -13.95 -49.21 29.78
CA GLY A 59 -14.92 -50.04 30.49
C GLY A 59 -16.21 -50.31 29.75
N LYS A 60 -16.26 -50.09 28.45
CA LYS A 60 -17.39 -50.50 27.63
C LYS A 60 -16.90 -51.54 26.64
N ARG A 61 -17.69 -52.59 26.44
CA ARG A 61 -17.28 -53.70 25.59
C ARG A 61 -18.35 -53.99 24.56
N ALA A 62 -17.93 -54.21 23.32
CA ALA A 62 -18.83 -54.53 22.23
C ALA A 62 -18.25 -55.71 21.47
N THR A 63 -19.13 -56.63 21.07
CA THR A 63 -18.77 -57.79 20.28
C THR A 63 -19.52 -57.75 18.96
N VAL A 64 -18.93 -58.36 17.93
CA VAL A 64 -19.52 -58.40 16.61
C VAL A 64 -18.83 -59.49 15.82
N LYS A 65 -19.49 -59.96 14.77
CA LYS A 65 -18.91 -60.94 13.86
C LYS A 65 -18.61 -60.24 12.54
N ALA A 66 -17.38 -60.41 12.05
CA ALA A 66 -17.05 -59.86 10.74
C ALA A 66 -17.87 -60.58 9.68
N ASP A 67 -17.99 -59.96 8.51
CA ASP A 67 -18.71 -60.59 7.41
C ASP A 67 -17.75 -61.48 6.62
N ALA A 68 -18.26 -62.12 5.57
CA ALA A 68 -17.44 -63.02 4.77
C ALA A 68 -16.33 -62.32 4.03
N THR A 69 -16.35 -60.99 3.95
CA THR A 69 -15.21 -60.24 3.44
C THR A 69 -14.09 -60.18 4.46
N GLY A 70 -14.42 -60.28 5.75
CA GLY A 70 -13.48 -60.04 6.82
C GLY A 70 -13.59 -58.66 7.42
N GLN A 71 -14.55 -57.85 7.00
CA GLN A 71 -14.75 -56.52 7.55
C GLN A 71 -15.68 -56.57 8.74
N TRP A 72 -15.43 -55.69 9.72
CA TRP A 72 -16.23 -55.64 10.92
C TRP A 72 -16.36 -54.20 11.39
N LYS A 73 -17.42 -53.93 12.14
CA LYS A 73 -17.68 -52.58 12.65
C LYS A 73 -18.59 -52.66 13.86
N VAL A 74 -18.24 -51.94 14.92
CA VAL A 74 -19.13 -51.71 16.05
C VAL A 74 -19.29 -50.21 16.21
N ARG A 75 -20.30 -49.81 16.99
CA ARG A 75 -20.43 -48.42 17.44
C ARG A 75 -20.45 -48.44 18.96
N LEU A 76 -19.55 -47.75 19.55
CA LEU A 76 -19.41 -47.65 20.98
C LEU A 76 -20.18 -46.43 21.48
N PRO A 77 -20.61 -46.45 22.75
CA PRO A 77 -21.43 -45.36 23.25
C PRO A 77 -20.74 -44.02 23.13
N ALA A 78 -21.55 -42.96 23.05
CA ALA A 78 -21.03 -41.60 23.06
C ALA A 78 -20.27 -41.37 24.36
N HIS A 79 -19.10 -40.75 24.23
CA HIS A 79 -18.21 -40.60 25.37
C HIS A 79 -17.86 -39.13 25.53
N ALA A 80 -17.76 -38.70 26.78
CA ALA A 80 -17.41 -37.32 27.08
C ALA A 80 -15.90 -37.09 26.90
N ALA A 81 -15.50 -35.82 26.92
CA ALA A 81 -14.10 -35.48 26.76
C ALA A 81 -13.25 -36.09 27.86
N GLY A 82 -12.07 -36.58 27.51
CA GLY A 82 -11.16 -37.09 28.51
C GLY A 82 -10.04 -37.88 27.87
N GLY A 83 -9.33 -38.62 28.72
CA GLY A 83 -8.24 -39.46 28.29
C GLY A 83 -6.95 -39.11 29.02
N PRO A 84 -5.93 -39.98 28.90
CA PRO A 84 -5.87 -41.02 27.88
C PRO A 84 -6.57 -42.33 28.23
N TYR A 85 -7.10 -42.99 27.21
CA TYR A 85 -7.66 -44.32 27.36
C TYR A 85 -6.95 -45.26 26.39
N VAL A 86 -7.19 -46.55 26.61
CA VAL A 86 -6.70 -47.60 25.72
C VAL A 86 -7.91 -48.19 25.00
N LEU A 87 -7.83 -48.27 23.68
CA LEU A 87 -8.79 -49.00 22.87
C LEU A 87 -8.22 -50.39 22.62
N ARG A 88 -8.93 -51.43 23.08
CA ARG A 88 -8.53 -52.81 22.87
C ARG A 88 -9.41 -53.46 21.82
N VAL A 89 -8.80 -54.23 20.94
CA VAL A 89 -9.53 -55.06 19.99
C VAL A 89 -9.03 -56.48 20.12
N GLN A 90 -9.94 -57.43 20.22
CA GLN A 90 -9.65 -58.81 20.59
C GLN A 90 -10.22 -59.75 19.54
N GLY A 91 -9.35 -60.52 18.91
CA GLY A 91 -9.75 -61.67 18.12
C GLY A 91 -9.16 -62.94 18.74
N ASP A 92 -9.48 -64.08 18.12
CA ASP A 92 -8.98 -65.34 18.66
C ASP A 92 -7.47 -65.45 18.48
N GLY A 93 -6.92 -64.76 17.47
CA GLY A 93 -5.49 -64.81 17.24
C GLY A 93 -4.66 -63.94 18.15
N GLY A 94 -5.26 -62.89 18.71
CA GLY A 94 -4.52 -61.99 19.57
C GLY A 94 -5.28 -60.69 19.79
N GLU A 95 -4.59 -59.75 20.43
CA GLU A 95 -5.17 -58.48 20.85
C GLU A 95 -4.40 -57.33 20.25
N LEU A 96 -5.14 -56.28 19.88
CA LEU A 96 -4.57 -55.00 19.49
C LEU A 96 -4.82 -54.02 20.62
N GLN A 97 -3.79 -53.28 21.01
CA GLN A 97 -4.00 -52.20 21.97
C GLN A 97 -3.61 -50.88 21.30
N VAL A 98 -4.53 -49.94 21.29
CA VAL A 98 -4.30 -48.59 20.79
C VAL A 98 -4.18 -47.69 22.01
N ARG A 99 -3.01 -47.07 22.17
CA ARG A 99 -2.64 -46.38 23.40
C ARG A 99 -2.85 -44.87 23.29
N ASP A 100 -2.97 -44.23 24.47
CA ASP A 100 -2.98 -42.77 24.60
C ASP A 100 -4.08 -42.13 23.75
N VAL A 101 -5.26 -42.73 23.77
CA VAL A 101 -6.39 -42.21 23.01
C VAL A 101 -7.09 -41.15 23.84
N LEU A 102 -7.29 -39.98 23.24
CA LEU A 102 -8.06 -38.90 23.84
C LEU A 102 -9.44 -38.86 23.19
N VAL A 103 -10.39 -38.31 23.95
CA VAL A 103 -11.73 -38.03 23.45
C VAL A 103 -11.93 -36.53 23.55
N GLY A 104 -12.27 -35.91 22.42
CA GLY A 104 -12.39 -34.47 22.33
C GLY A 104 -13.06 -34.06 21.04
N ASP A 105 -12.73 -32.89 20.50
CA ASP A 105 -13.27 -32.44 19.23
C ASP A 105 -12.23 -32.63 18.15
N VAL A 106 -12.63 -33.23 17.04
CA VAL A 106 -11.76 -33.48 15.90
C VAL A 106 -12.24 -32.58 14.77
N TRP A 107 -11.31 -31.82 14.19
CA TRP A 107 -11.61 -30.91 13.10
C TRP A 107 -10.80 -31.34 11.89
N LEU A 108 -11.47 -31.41 10.74
CA LEU A 108 -10.82 -31.68 9.46
C LEU A 108 -10.33 -30.37 8.87
N ALA A 109 -9.05 -30.33 8.46
CA ALA A 109 -8.41 -29.12 7.96
C ALA A 109 -7.94 -29.42 6.54
N GLY A 110 -8.53 -28.72 5.56
CA GLY A 110 -8.25 -29.00 4.17
C GLY A 110 -7.92 -27.71 3.42
N GLY A 111 -7.46 -27.90 2.17
CA GLY A 111 -7.27 -26.81 1.25
C GLY A 111 -5.91 -26.89 0.59
N GLN A 112 -5.46 -25.78 0.04
CA GLN A 112 -4.18 -25.81 -0.65
C GLN A 112 -3.08 -25.18 0.21
N ASN A 114 -1.95 -22.55 1.70
CA ASN A 114 -2.00 -21.77 2.94
C ASN A 114 -2.61 -22.51 4.11
N MET A 115 -3.35 -23.60 3.87
CA MET A 115 -3.65 -24.49 5.00
C MET A 115 -2.52 -25.48 5.21
N GLU A 116 -1.89 -25.93 4.12
CA GLU A 116 -0.74 -26.81 4.24
C GLU A 116 0.41 -26.15 4.99
N TRP A 117 0.53 -24.82 4.92
CA TRP A 117 1.68 -24.08 5.41
C TRP A 117 2.00 -24.47 6.85
N PRO A 118 3.23 -24.92 7.15
CA PRO A 118 3.52 -25.46 8.47
C PRO A 118 3.87 -24.40 9.50
N LEU A 119 3.65 -24.76 10.77
CA LEU A 119 3.84 -23.81 11.86
C LEU A 119 5.26 -23.25 11.87
N ALA A 120 6.26 -24.09 11.59
CA ALA A 120 7.65 -23.63 11.63
C ALA A 120 7.89 -22.42 10.74
N GLN A 121 7.11 -22.29 9.65
CA GLN A 121 7.29 -21.23 8.68
C GLN A 121 6.32 -20.08 8.84
N ALA A 122 5.54 -20.06 9.92
CA ALA A 122 4.70 -18.90 10.19
C ALA A 122 5.55 -17.75 10.72
N SER A 123 4.97 -16.54 10.70
CA SER A 123 5.66 -15.34 11.20
C SER A 123 6.23 -15.56 12.60
N ASP A 124 5.45 -16.23 13.45
CA ASP A 124 5.81 -16.54 14.82
C ASP A 124 6.38 -17.95 14.98
N GLY A 125 6.78 -18.58 13.88
CA GLY A 125 7.05 -20.00 13.86
C GLY A 125 7.98 -20.54 14.93
N PRO A 126 9.22 -20.03 14.99
CA PRO A 126 10.15 -20.53 16.02
C PRO A 126 9.62 -20.38 17.43
N GLN A 127 9.11 -19.18 17.76
CA GLN A 127 8.58 -18.95 19.10
C GLN A 127 7.30 -19.75 19.35
N ALA A 128 6.43 -19.87 18.34
CA ALA A 128 5.20 -20.64 18.56
C ALA A 128 5.51 -22.11 18.74
N VAL A 129 6.44 -22.66 17.95
CA VAL A 129 6.86 -24.04 18.14
C VAL A 129 7.46 -24.21 19.54
N ALA A 130 8.28 -23.25 19.97
CA ALA A 130 8.92 -23.33 21.26
C ALA A 130 7.91 -23.27 22.41
N ALA A 131 6.76 -22.64 22.18
CA ALA A 131 5.69 -22.58 23.17
C ALA A 131 4.70 -23.73 23.05
N ALA A 132 4.79 -24.53 22.00
CA ALA A 132 3.81 -25.59 21.75
C ALA A 132 4.12 -26.76 22.65
N ASN A 133 3.47 -26.78 23.82
CA ASN A 133 3.68 -27.82 24.82
C ASN A 133 2.32 -28.27 25.36
N ASP A 134 1.52 -28.87 24.46
CA ASP A 134 0.15 -29.30 24.79
C ASP A 134 -0.03 -30.73 24.32
N ALA A 135 0.00 -31.68 25.26
CA ALA A 135 -0.19 -33.08 24.91
C ALA A 135 -1.61 -33.39 24.44
N GLN A 136 -2.57 -32.49 24.67
CA GLN A 136 -3.96 -32.72 24.32
C GLN A 136 -4.35 -32.05 23.02
N LEU A 137 -3.38 -31.56 22.25
CA LEU A 137 -3.58 -30.97 20.93
C LEU A 137 -2.76 -31.79 19.96
N ARG A 138 -3.43 -32.43 18.99
CA ARG A 138 -2.76 -33.42 18.16
C ARG A 138 -3.13 -33.22 16.70
N GLN A 139 -2.24 -33.68 15.81
CA GLN A 139 -2.48 -33.62 14.37
C GLN A 139 -2.22 -34.98 13.74
N PHE A 140 -3.09 -35.33 12.78
CA PHE A 140 -2.91 -36.48 11.90
C PHE A 140 -2.70 -35.91 10.51
N LYS A 141 -1.49 -36.09 9.95
CA LYS A 141 -1.17 -35.57 8.64
C LYS A 141 -1.44 -36.66 7.60
N VAL A 142 -2.51 -36.47 6.83
CA VAL A 142 -2.80 -37.34 5.68
C VAL A 142 -1.75 -37.12 4.61
N PRO A 143 -1.06 -38.15 4.13
CA PRO A 143 -0.04 -37.92 3.11
C PRO A 143 -0.67 -37.50 1.80
N LYS A 144 0.07 -36.69 1.03
CA LYS A 144 -0.39 -36.29 -0.30
C LYS A 144 -0.49 -37.50 -1.20
N SER A 145 -1.70 -37.87 -1.62
CA SER A 145 -1.89 -39.09 -2.40
C SER A 145 -3.19 -38.96 -3.17
N TRP A 146 -3.30 -39.74 -4.24
CA TRP A 146 -4.47 -39.65 -5.12
C TRP A 146 -4.86 -41.03 -5.62
N SER A 147 -6.07 -41.11 -6.16
CA SER A 147 -6.54 -42.37 -6.74
C SER A 147 -7.67 -42.08 -7.72
N VAL A 148 -7.73 -42.86 -8.80
CA VAL A 148 -8.82 -42.69 -9.76
C VAL A 148 -10.15 -43.20 -9.25
N GLN A 149 -10.18 -43.89 -8.12
CA GLN A 149 -11.39 -44.41 -7.52
C GLN A 149 -11.43 -44.05 -6.05
N PRO A 150 -12.62 -43.84 -5.47
CA PRO A 150 -12.71 -43.61 -4.02
C PRO A 150 -12.16 -44.81 -3.25
N GLN A 151 -11.40 -44.52 -2.21
CA GLN A 151 -10.67 -45.55 -1.47
C GLN A 151 -11.19 -45.66 -0.05
N ALA A 152 -11.20 -46.89 0.46
CA ALA A 152 -11.67 -47.15 1.81
C ALA A 152 -10.57 -46.98 2.85
N ARG A 153 -9.30 -46.93 2.46
CA ARG A 153 -8.19 -46.84 3.39
C ARG A 153 -7.25 -45.70 3.02
N LEU A 154 -6.60 -45.13 4.02
CA LEU A 154 -5.49 -44.22 3.79
C LEU A 154 -4.23 -45.01 3.48
N THR A 155 -3.25 -44.33 2.89
CA THR A 155 -1.98 -44.97 2.58
C THR A 155 -0.87 -44.61 3.56
N GLY A 156 -1.17 -43.83 4.61
CA GLY A 156 -0.15 -43.41 5.56
C GLY A 156 -0.71 -42.43 6.57
N GLY A 157 0.14 -42.01 7.50
CA GLY A 157 -0.27 -41.07 8.53
C GLY A 157 -0.26 -41.62 9.94
N GLU A 158 0.10 -40.77 10.90
CA GLU A 158 0.00 -41.12 12.32
C GLU A 158 -0.37 -39.87 13.10
N TRP A 159 -0.74 -40.08 14.36
CA TRP A 159 -1.08 -38.97 15.25
C TRP A 159 0.18 -38.54 15.98
N LYS A 160 0.39 -37.22 16.04
CA LYS A 160 1.47 -36.58 16.77
C LYS A 160 0.88 -35.52 17.69
N ALA A 161 1.39 -35.45 18.93
CA ALA A 161 0.97 -34.41 19.85
C ALA A 161 1.79 -33.13 19.62
N ALA A 162 1.27 -32.01 20.14
CA ALA A 162 1.87 -30.70 19.91
C ALA A 162 3.01 -30.43 20.91
N THR A 163 4.08 -31.19 20.76
CA THR A 163 5.35 -30.94 21.42
C THR A 163 6.26 -30.12 20.51
N PRO A 164 7.30 -29.46 21.04
CA PRO A 164 8.18 -28.70 20.15
C PRO A 164 8.87 -29.57 19.10
N ALA A 165 9.04 -30.87 19.37
CA ALA A 165 9.65 -31.75 18.36
C ALA A 165 8.73 -31.97 17.15
N ASN A 166 7.41 -31.92 17.35
CA ASN A 166 6.44 -32.26 16.31
C ASN A 166 5.72 -31.05 15.73
N ALA A 167 5.54 -29.99 16.52
CA ALA A 167 4.61 -28.91 16.16
C ALA A 167 5.05 -28.14 14.94
N GLY A 168 6.35 -28.12 14.63
CA GLY A 168 6.81 -27.38 13.46
C GLY A 168 6.16 -27.85 12.17
N GLU A 169 5.76 -29.13 12.12
CA GLU A 169 5.13 -29.74 10.96
C GLU A 169 3.61 -29.68 11.00
N PHE A 170 3.00 -29.13 12.06
CA PHE A 170 1.56 -28.95 12.07
C PHE A 170 1.17 -27.88 11.06
N THR A 171 -0.04 -27.99 10.50
CA THR A 171 -0.60 -26.86 9.77
C THR A 171 -0.61 -25.66 10.69
N ALA A 172 -0.07 -24.55 10.20
CA ALA A 172 0.06 -23.36 11.03
C ALA A 172 -1.32 -22.81 11.36
N VAL A 173 -2.17 -22.68 10.35
CA VAL A 173 -3.53 -22.21 10.55
C VAL A 173 -4.30 -23.18 11.45
N GLY A 174 -4.10 -24.49 11.25
CA GLY A 174 -4.81 -25.47 12.05
C GLY A 174 -4.33 -25.51 13.48
N TYR A 175 -3.01 -25.43 13.69
CA TYR A 175 -2.48 -25.34 15.05
C TYR A 175 -3.08 -24.14 15.80
N PHE A 176 -3.01 -22.95 15.21
CA PHE A 176 -3.48 -21.77 15.94
C PHE A 176 -4.97 -21.85 16.17
N PHE A 177 -5.73 -22.35 15.19
CA PHE A 177 -7.16 -22.62 15.37
C PHE A 177 -7.38 -23.57 16.54
N ALA A 178 -6.64 -24.69 16.57
CA ALA A 178 -6.81 -25.67 17.65
C ALA A 178 -6.42 -25.10 19.00
N LYS A 179 -5.35 -24.28 19.03
CA LYS A 179 -4.91 -23.68 20.28
C LYS A 179 -5.98 -22.78 20.87
N GLU A 180 -6.72 -22.07 20.01
CA GLU A 180 -7.82 -21.24 20.48
C GLU A 180 -8.95 -22.08 21.06
N LEU A 181 -9.30 -23.18 20.38
CA LEU A 181 -10.37 -24.05 20.85
C LEU A 181 -9.98 -24.77 22.15
N ARG A 182 -8.72 -25.19 22.28
CA ARG A 182 -8.29 -25.77 23.54
C ARG A 182 -8.62 -24.83 24.69
N ALA A 183 -8.40 -23.52 24.49
CA ALA A 183 -8.65 -22.55 25.54
C ALA A 183 -10.13 -22.30 25.75
N SER A 184 -10.93 -22.28 24.69
CA SER A 184 -12.35 -21.99 24.91
C SER A 184 -13.14 -23.23 25.34
N THR A 185 -12.76 -24.43 24.85
CA THR A 185 -13.48 -25.64 25.20
C THR A 185 -12.92 -26.33 26.43
N GLY A 186 -11.62 -26.20 26.67
CA GLY A 186 -10.96 -27.03 27.66
C GLY A 186 -10.98 -28.53 27.38
N VAL A 187 -11.18 -28.97 26.13
CA VAL A 187 -11.19 -30.40 25.83
C VAL A 187 -10.06 -30.68 24.84
N PRO A 188 -9.68 -31.96 24.68
CA PRO A 188 -8.69 -32.31 23.66
C PRO A 188 -9.15 -31.87 22.28
N ILE A 189 -8.20 -31.40 21.47
CA ILE A 189 -8.46 -31.02 20.08
C ILE A 189 -7.53 -31.84 19.20
N GLY A 190 -8.09 -32.46 18.16
CA GLY A 190 -7.30 -33.14 17.14
C GLY A 190 -7.57 -32.50 15.79
N ILE A 191 -6.51 -32.35 14.99
CA ILE A 191 -6.61 -31.84 13.63
C ILE A 191 -6.25 -32.97 12.66
N VAL A 192 -7.17 -33.30 11.76
CA VAL A 192 -6.86 -34.17 10.65
C VAL A 192 -6.48 -33.27 9.48
N ASN A 193 -5.19 -33.24 9.16
CA ASN A 193 -4.62 -32.32 8.17
C ASN A 193 -4.63 -33.02 6.81
N SER A 194 -5.46 -32.54 5.89
CA SER A 194 -5.57 -33.17 4.57
C SER A 194 -5.50 -32.03 3.56
N THR A 195 -4.29 -31.73 3.08
CA THR A 195 -4.01 -30.53 2.29
C THR A 195 -3.03 -30.86 1.18
N TRP A 196 -3.02 -30.03 0.14
CA TRP A 196 -2.11 -30.22 -0.99
C TRP A 196 -1.92 -28.88 -1.71
N GLY A 197 -0.71 -28.35 -1.65
CA GLY A 197 -0.46 -27.05 -2.28
C GLY A 197 -0.78 -27.07 -3.76
N GLY A 198 -1.36 -25.97 -4.24
CA GLY A 198 -1.67 -25.82 -5.65
C GLY A 198 -2.93 -26.51 -6.12
N SER A 199 -3.66 -27.17 -5.23
CA SER A 199 -4.79 -27.97 -5.68
C SER A 199 -5.98 -27.09 -6.09
N ALA A 200 -6.75 -27.61 -7.04
CA ALA A 200 -8.02 -27.05 -7.46
C ALA A 200 -9.15 -27.66 -6.65
N ILE A 201 -10.25 -26.91 -6.48
CA ILE A 201 -11.36 -27.49 -5.71
C ILE A 201 -11.90 -28.75 -6.40
N GLU A 202 -11.83 -28.81 -7.74
CA GLU A 202 -12.35 -29.99 -8.44
C GLU A 202 -11.65 -31.27 -7.98
N ALA A 203 -10.37 -31.18 -7.61
CA ALA A 203 -9.67 -32.38 -7.13
C ALA A 203 -10.23 -32.85 -5.79
N TRP A 204 -10.84 -31.95 -5.02
CA TRP A 204 -11.33 -32.25 -3.69
C TRP A 204 -12.79 -32.64 -3.69
N MET A 205 -13.42 -32.66 -4.86
CA MET A 205 -14.85 -32.91 -4.97
C MET A 205 -15.07 -34.34 -5.49
N ASP A 206 -16.10 -35.00 -4.99
CA ASP A 206 -16.33 -36.34 -5.48
C ASP A 206 -16.95 -36.28 -6.88
N ALA A 207 -17.02 -37.44 -7.55
CA ALA A 207 -17.55 -37.49 -8.90
C ALA A 207 -18.95 -36.87 -9.00
N ALA A 208 -19.84 -37.24 -8.07
CA ALA A 208 -21.23 -36.81 -8.15
C ALA A 208 -21.37 -35.28 -8.12
N SER A 209 -20.64 -34.61 -7.22
CA SER A 209 -20.74 -33.16 -7.15
C SER A 209 -20.23 -32.49 -8.43
N LEU A 210 -19.56 -33.25 -9.30
CA LEU A 210 -19.02 -32.73 -10.55
C LEU A 210 -19.80 -33.19 -11.78
N GLY A 211 -20.81 -34.01 -11.59
CA GLY A 211 -21.52 -34.57 -12.73
C GLY A 211 -20.78 -35.70 -13.42
N LEU A 212 -19.81 -36.33 -12.75
CA LEU A 212 -18.91 -37.29 -13.39
C LEU A 212 -19.26 -38.71 -12.95
N ASN A 213 -18.53 -39.68 -13.50
CA ASN A 213 -18.60 -41.06 -13.09
C ASN A 213 -17.49 -41.36 -12.08
N ALA A 214 -17.79 -42.22 -11.12
CA ALA A 214 -16.81 -42.60 -10.09
C ALA A 214 -15.69 -43.44 -10.69
N ASP A 395 -0.76 -34.45 -16.54
CA ASP A 395 -0.96 -33.17 -15.87
C ASP A 395 -0.84 -33.31 -14.34
N ASN A 396 -0.80 -32.18 -13.63
CA ASN A 396 -0.72 -32.19 -12.18
C ASN A 396 -1.99 -32.81 -11.58
N LYS A 397 -1.81 -33.90 -10.84
CA LYS A 397 -2.95 -34.64 -10.32
C LYS A 397 -3.76 -33.82 -9.33
N ASN A 398 -3.12 -32.89 -8.62
CA ASN A 398 -3.81 -32.05 -7.65
C ASN A 398 -4.77 -31.05 -8.30
N GLN A 399 -4.85 -31.00 -9.63
CA GLN A 399 -5.82 -30.18 -10.32
C GLN A 399 -6.84 -31.01 -11.10
N LEU A 400 -6.77 -32.33 -11.04
CA LEU A 400 -7.67 -33.22 -11.76
C LEU A 400 -8.88 -33.58 -10.88
N PRO A 401 -10.06 -33.65 -11.52
CA PRO A 401 -11.30 -33.96 -10.80
C PRO A 401 -11.22 -35.24 -9.98
N THR A 402 -11.65 -35.13 -8.71
CA THR A 402 -11.88 -36.23 -7.78
C THR A 402 -10.62 -36.92 -7.26
N LEU A 403 -9.44 -36.68 -7.85
CA LEU A 403 -8.31 -37.55 -7.53
C LEU A 403 -7.85 -37.41 -6.08
N LEU A 404 -7.93 -36.21 -5.49
CA LEU A 404 -7.52 -36.05 -4.08
C LEU A 404 -8.64 -36.47 -3.13
N TYR A 405 -9.88 -36.11 -3.46
CA TYR A 405 -11.02 -36.55 -2.66
C TYR A 405 -10.96 -38.06 -2.46
N ASN A 406 -10.67 -38.80 -3.54
CA ASN A 406 -10.75 -40.25 -3.51
C ASN A 406 -9.79 -40.87 -2.49
N GLN A 407 -8.61 -40.26 -2.32
CA GLN A 407 -7.59 -40.85 -1.46
C GLN A 407 -7.33 -40.06 -0.19
N MET A 408 -7.71 -38.79 -0.13
CA MET A 408 -7.43 -37.96 1.03
C MET A 408 -8.67 -37.49 1.78
N ILE A 409 -9.87 -37.70 1.24
CA ILE A 409 -11.08 -37.27 1.94
C ILE A 409 -11.95 -38.49 2.15
N HIS A 410 -12.28 -39.17 1.07
CA HIS A 410 -13.24 -40.27 1.14
C HIS A 410 -12.89 -41.30 2.20
N PRO A 411 -11.65 -41.76 2.34
CA PRO A 411 -11.35 -42.73 3.41
C PRO A 411 -11.61 -42.20 4.80
N LEU A 412 -11.61 -40.89 5.00
CA LEU A 412 -11.81 -40.28 6.31
C LEU A 412 -13.27 -40.20 6.74
N GLN A 413 -14.20 -40.46 5.83
CA GLN A 413 -15.57 -40.05 6.10
C GLN A 413 -16.28 -40.87 7.18
N PRO A 414 -15.92 -42.13 7.48
CA PRO A 414 -16.54 -42.80 8.64
C PRO A 414 -16.05 -42.32 9.98
N PHE A 415 -14.93 -41.58 10.02
CA PHE A 415 -14.33 -41.02 11.23
C PHE A 415 -15.04 -39.72 11.58
N PRO A 416 -15.83 -39.69 12.64
CA PRO A 416 -16.63 -38.49 12.92
C PRO A 416 -15.75 -37.30 13.25
N VAL A 417 -16.20 -36.11 12.87
CA VAL A 417 -15.51 -34.86 13.16
C VAL A 417 -16.53 -33.85 13.70
N LYS A 418 -16.01 -32.87 14.45
CA LYS A 418 -16.85 -31.78 14.95
C LYS A 418 -17.20 -30.81 13.83
N GLY A 419 -16.29 -30.61 12.89
CA GLY A 419 -16.49 -29.68 11.78
C GLY A 419 -15.27 -29.67 10.87
N VAL A 420 -15.31 -28.79 9.87
CA VAL A 420 -14.28 -28.66 8.86
C VAL A 420 -13.80 -27.22 8.83
N ILE A 421 -12.48 -27.02 8.72
CA ILE A 421 -11.91 -25.73 8.35
C ILE A 421 -11.21 -25.89 7.01
N TRP A 422 -11.29 -24.85 6.18
CA TRP A 422 -10.95 -24.91 4.76
C TRP A 422 -10.23 -23.63 4.37
N TYR A 423 -9.16 -23.74 3.59
CA TYR A 423 -8.45 -22.56 3.08
C TYR A 423 -7.98 -22.94 1.69
N GLN A 424 -8.80 -22.58 0.69
CA GLN A 424 -8.48 -22.94 -0.68
C GLN A 424 -9.18 -21.96 -1.62
N GLY A 425 -8.65 -21.84 -2.83
CA GLY A 425 -9.36 -21.08 -3.85
C GLY A 425 -8.47 -20.29 -4.78
N GLU A 426 -7.23 -20.00 -4.34
CA GLU A 426 -6.30 -19.26 -5.19
C GLU A 426 -6.21 -19.86 -6.59
N THR A 427 -6.18 -21.19 -6.67
CA THR A 427 -6.07 -21.88 -7.95
C THR A 427 -7.29 -21.65 -8.85
N ASN A 428 -8.45 -21.43 -8.25
CA ASN A 428 -9.67 -21.26 -9.03
C ASN A 428 -10.04 -19.80 -9.27
N ALA A 429 -9.20 -18.86 -8.81
CA ALA A 429 -9.46 -17.42 -8.98
C ALA A 429 -9.01 -16.96 -10.36
N THR A 430 -9.69 -17.50 -11.38
CA THR A 430 -9.34 -17.28 -12.78
C THR A 430 -10.52 -16.67 -13.50
N ASP A 431 -10.27 -16.17 -14.71
CA ASP A 431 -11.36 -15.68 -15.55
C ASP A 431 -12.46 -16.74 -15.70
N THR A 432 -12.07 -18.00 -15.82
CA THR A 432 -13.06 -19.05 -16.09
C THR A 432 -13.71 -19.59 -14.83
N GLY A 433 -12.98 -19.70 -13.73
CA GLY A 433 -13.54 -20.43 -12.61
C GLY A 433 -13.97 -19.65 -11.39
N ALA A 434 -13.79 -18.32 -11.40
CA ALA A 434 -13.96 -17.53 -10.17
C ALA A 434 -15.41 -17.39 -9.77
N VAL A 435 -16.31 -17.24 -10.73
CA VAL A 435 -17.74 -17.11 -10.40
C VAL A 435 -18.37 -18.47 -10.16
N LYS A 436 -18.08 -19.45 -11.03
CA LYS A 436 -18.72 -20.75 -10.85
C LYS A 436 -18.24 -21.45 -9.60
N TYR A 437 -17.10 -21.03 -9.03
CA TYR A 437 -16.67 -21.55 -7.74
C TYR A 437 -17.78 -21.53 -6.69
N ARG A 438 -18.65 -20.51 -6.71
CA ARG A 438 -19.72 -20.46 -5.71
C ARG A 438 -20.61 -21.69 -5.79
N GLU A 439 -20.92 -22.17 -7.01
CA GLU A 439 -21.73 -23.37 -7.12
C GLU A 439 -20.92 -24.64 -6.81
N GLN A 440 -19.64 -24.67 -7.17
CA GLN A 440 -18.82 -25.85 -6.88
C GLN A 440 -18.59 -25.99 -5.39
N PHE A 441 -18.22 -24.89 -4.74
CA PHE A 441 -17.93 -24.90 -3.31
C PHE A 441 -19.17 -25.31 -2.52
N ALA A 442 -20.33 -24.74 -2.85
CA ALA A 442 -21.54 -25.13 -2.13
C ALA A 442 -21.83 -26.62 -2.33
N ALA A 443 -21.63 -27.12 -3.55
CA ALA A 443 -21.86 -28.53 -3.84
C ALA A 443 -20.89 -29.41 -3.07
N MET A 444 -19.63 -28.97 -2.95
CA MET A 444 -18.65 -29.74 -2.21
C MET A 444 -19.07 -29.86 -0.75
N ILE A 445 -19.40 -28.72 -0.12
CA ILE A 445 -19.85 -28.74 1.28
C ILE A 445 -21.05 -29.65 1.45
N ARG A 446 -22.04 -29.53 0.58
CA ARG A 446 -23.27 -30.30 0.76
C ARG A 446 -22.98 -31.79 0.61
N GLN A 447 -22.04 -32.16 -0.26
CA GLN A 447 -21.76 -33.57 -0.50
C GLN A 447 -20.94 -34.16 0.64
N TRP A 448 -19.85 -33.50 1.02
CA TRP A 448 -19.13 -33.94 2.21
C TRP A 448 -20.09 -34.15 3.38
N ARG A 449 -21.02 -33.20 3.57
CA ARG A 449 -21.96 -33.28 4.67
C ARG A 449 -22.91 -34.46 4.53
N ALA A 450 -23.43 -34.70 3.33
CA ALA A 450 -24.33 -35.83 3.11
C ALA A 450 -23.61 -37.15 3.36
N GLU A 451 -22.37 -37.27 2.88
CA GLU A 451 -21.58 -38.47 3.09
C GLU A 451 -21.45 -38.80 4.58
N ARG A 452 -21.34 -37.79 5.42
CA ARG A 452 -21.19 -37.94 6.86
C ARG A 452 -22.51 -38.01 7.60
N GLY A 453 -23.62 -37.96 6.88
CA GLY A 453 -24.93 -37.99 7.50
C GLY A 453 -25.25 -36.81 8.40
N ASP A 454 -24.73 -35.62 8.09
CA ASP A 454 -24.95 -34.45 8.95
C ASP A 454 -25.09 -33.22 8.08
N LYS A 455 -26.34 -32.83 7.80
CA LYS A 455 -26.56 -31.73 6.87
C LYS A 455 -26.19 -30.38 7.45
N THR A 456 -25.89 -30.29 8.74
CA THR A 456 -25.47 -29.03 9.35
C THR A 456 -24.11 -29.16 10.01
N LEU A 457 -23.26 -30.04 9.49
CA LEU A 457 -21.91 -30.18 10.00
C LEU A 457 -21.18 -28.85 9.78
N PRO A 458 -20.66 -28.23 10.84
CA PRO A 458 -20.00 -26.93 10.67
C PRO A 458 -18.91 -26.94 9.61
N PHE A 459 -18.95 -25.94 8.74
CA PHE A 459 -17.97 -25.82 7.66
C PHE A 459 -17.53 -24.36 7.60
N LEU A 460 -16.25 -24.14 7.89
CA LEU A 460 -15.68 -22.81 8.01
C LEU A 460 -14.55 -22.66 7.01
N TRP A 461 -14.42 -21.48 6.40
CA TRP A 461 -13.34 -21.28 5.44
C TRP A 461 -12.72 -19.90 5.61
N VAL A 462 -11.59 -19.72 4.94
CA VAL A 462 -10.82 -18.47 4.94
C VAL A 462 -11.01 -17.84 3.57
N GLN A 463 -11.53 -16.62 3.54
CA GLN A 463 -11.62 -15.88 2.29
C GLN A 463 -10.20 -15.52 1.83
N LEU A 464 -9.99 -15.50 0.51
CA LEU A 464 -8.63 -15.26 0.02
C LEU A 464 -8.06 -13.95 0.56
N ALA A 465 -6.77 -13.98 0.92
CA ALA A 465 -6.02 -12.81 1.30
C ALA A 465 -5.79 -11.89 0.10
N ASN A 466 -5.29 -10.70 0.38
CA ASN A 466 -4.91 -9.77 -0.69
C ASN A 466 -3.59 -10.22 -1.31
N PHE A 467 -3.51 -10.18 -2.64
CA PHE A 467 -2.30 -10.56 -3.36
C PHE A 467 -2.30 -9.92 -4.74
N LYS A 468 -1.15 -9.36 -5.14
CA LYS A 468 -0.99 -8.83 -6.50
C LYS A 468 -0.87 -10.01 -7.46
N ALA A 469 -2.03 -10.55 -7.85
CA ALA A 469 -2.06 -11.78 -8.61
C ALA A 469 -1.95 -11.59 -10.11
N GLY A 470 -2.02 -10.34 -10.60
CA GLY A 470 -1.92 -10.11 -12.03
C GLY A 470 -3.18 -10.45 -12.81
N GLY A 471 -4.26 -10.83 -12.15
CA GLY A 471 -5.47 -11.22 -12.83
C GLY A 471 -6.40 -10.08 -13.14
N ASP A 472 -6.28 -8.97 -12.41
CA ASP A 472 -7.18 -7.84 -12.60
C ASP A 472 -6.95 -7.18 -13.95
N LYS A 473 -8.05 -6.83 -14.62
CA LYS A 473 -7.99 -6.07 -15.87
C LYS A 473 -9.32 -5.36 -16.06
N GLY A 474 -9.27 -4.05 -16.27
CA GLY A 474 -10.51 -3.28 -16.38
C GLY A 474 -11.26 -3.31 -15.07
N GLU A 475 -12.58 -3.49 -15.16
CA GLU A 475 -13.41 -3.72 -14.00
C GLU A 475 -13.59 -5.21 -13.70
N LEU A 476 -12.77 -6.07 -14.29
CA LEU A 476 -12.82 -7.50 -14.05
C LEU A 476 -11.73 -7.88 -13.06
N SER A 477 -12.13 -8.49 -11.94
CA SER A 477 -11.17 -8.96 -10.94
C SER A 477 -11.53 -10.39 -10.55
N PRO A 478 -10.86 -11.40 -11.14
CA PRO A 478 -11.14 -12.79 -10.75
C PRO A 478 -10.97 -13.04 -9.25
N TRP A 479 -9.96 -12.45 -8.61
CA TRP A 479 -9.78 -12.68 -7.17
C TRP A 479 -10.94 -12.09 -6.36
N ALA A 480 -11.41 -10.89 -6.71
CA ALA A 480 -12.58 -10.34 -6.05
C ALA A 480 -13.83 -11.15 -6.37
N LEU A 481 -13.95 -11.64 -7.61
CA LEU A 481 -15.06 -12.53 -7.94
C LEU A 481 -15.00 -13.80 -7.09
N LEU A 482 -13.80 -14.34 -6.86
CA LEU A 482 -13.70 -15.55 -6.05
C LEU A 482 -14.08 -15.27 -4.60
N ARG A 483 -13.63 -14.13 -4.06
CA ARG A 483 -14.01 -13.79 -2.70
C ARG A 483 -15.53 -13.65 -2.58
N GLU A 484 -16.16 -13.07 -3.59
CA GLU A 484 -17.62 -12.99 -3.58
C GLU A 484 -18.22 -14.38 -3.58
N SER A 485 -17.69 -15.27 -4.44
CA SER A 485 -18.16 -16.65 -4.46
C SER A 485 -18.02 -17.29 -3.08
N GLN A 486 -16.96 -16.93 -2.35
CA GLN A 486 -16.81 -17.41 -0.98
C GLN A 486 -17.86 -16.81 -0.05
N SER A 487 -18.08 -15.48 -0.12
CA SER A 487 -19.07 -14.88 0.77
C SER A 487 -20.48 -15.39 0.50
N LYS A 488 -20.83 -15.61 -0.77
CA LYS A 488 -22.16 -16.13 -1.10
C LYS A 488 -22.43 -17.48 -0.46
N THR A 489 -21.38 -18.28 -0.23
CA THR A 489 -21.58 -19.60 0.36
C THR A 489 -22.05 -19.52 1.80
N LEU A 490 -21.94 -18.36 2.46
CA LEU A 490 -22.56 -18.18 3.77
C LEU A 490 -24.08 -18.39 3.74
N ALA A 491 -24.68 -18.51 2.56
CA ALA A 491 -26.11 -18.82 2.51
C ALA A 491 -26.39 -20.21 3.07
N LEU A 492 -25.43 -21.12 2.98
CA LEU A 492 -25.62 -22.47 3.48
C LEU A 492 -25.67 -22.46 5.01
N PRO A 493 -26.42 -23.38 5.61
CA PRO A 493 -26.48 -23.44 7.07
C PRO A 493 -25.14 -23.84 7.68
N ALA A 494 -24.91 -23.38 8.90
CA ALA A 494 -23.76 -23.79 9.70
C ALA A 494 -22.43 -23.53 8.97
N THR A 495 -22.32 -22.33 8.40
CA THR A 495 -21.09 -21.93 7.72
C THR A 495 -20.57 -20.66 8.37
N GLY A 496 -19.25 -20.47 8.29
CA GLY A 496 -18.63 -19.21 8.67
C GLY A 496 -17.42 -18.91 7.83
N GLN A 497 -17.00 -17.64 7.86
CA GLN A 497 -15.91 -17.16 7.02
C GLN A 497 -14.99 -16.23 7.79
N ALA A 498 -13.68 -16.48 7.70
CA ALA A 498 -12.67 -15.55 8.20
C ALA A 498 -12.23 -14.63 7.06
N VAL A 499 -12.33 -13.31 7.27
CA VAL A 499 -11.86 -12.31 6.31
C VAL A 499 -10.46 -11.88 6.71
N ILE A 500 -9.55 -11.80 5.74
CA ILE A 500 -8.15 -11.62 6.03
C ILE A 500 -7.48 -10.73 4.98
N ILE A 501 -8.22 -9.83 4.33
CA ILE A 501 -7.58 -8.95 3.35
C ILE A 501 -6.70 -7.88 4.00
N ASP A 502 -6.65 -7.83 5.32
CA ASP A 502 -5.76 -6.93 6.04
C ASP A 502 -4.43 -7.56 6.40
N ILE A 503 -4.25 -8.86 6.15
CA ILE A 503 -3.06 -9.54 6.62
C ILE A 503 -2.44 -10.42 5.54
N GLY A 504 -2.82 -10.19 4.28
CA GLY A 504 -2.13 -10.86 3.21
C GLY A 504 -0.75 -10.26 3.00
N ASN A 505 -0.09 -10.73 1.94
CA ASN A 505 1.18 -10.16 1.49
C ASN A 505 0.99 -9.72 0.04
N PRO A 506 1.05 -8.42 -0.25
CA PRO A 506 0.89 -7.98 -1.64
C PRO A 506 1.77 -8.74 -2.63
N THR A 507 2.98 -9.14 -2.23
CA THR A 507 3.94 -9.71 -3.16
C THR A 507 4.19 -11.19 -2.96
N ASP A 508 3.38 -11.88 -2.15
CA ASP A 508 3.57 -13.32 -2.01
C ASP A 508 2.24 -13.98 -1.69
N ILE A 509 1.85 -14.96 -2.50
CA ILE A 509 0.58 -15.65 -2.28
C ILE A 509 0.56 -16.44 -0.99
N HIS A 510 1.70 -16.51 -0.27
CA HIS A 510 1.85 -17.24 0.98
C HIS A 510 2.15 -16.29 2.15
N PRO A 511 1.16 -15.56 2.66
CA PRO A 511 1.41 -14.68 3.82
C PRO A 511 1.75 -15.50 5.06
N THR A 512 2.70 -15.01 5.84
CA THR A 512 3.18 -15.81 6.97
C THR A 512 2.42 -15.56 8.26
N ASN A 513 1.59 -14.51 8.33
CA ASN A 513 0.75 -14.26 9.51
C ASN A 513 -0.40 -15.25 9.52
N LYS A 514 -0.15 -16.42 10.10
CA LYS A 514 -1.20 -17.42 10.27
C LYS A 514 -1.87 -17.36 11.64
N ARG A 515 -1.22 -16.79 12.66
CA ARG A 515 -1.88 -16.68 13.96
C ARG A 515 -3.23 -15.97 13.87
N ASP A 516 -3.29 -14.87 13.13
CA ASP A 516 -4.56 -14.15 13.08
C ASP A 516 -5.59 -14.88 12.21
N VAL A 517 -5.14 -15.69 11.26
CA VAL A 517 -6.07 -16.53 10.51
C VAL A 517 -6.73 -17.52 11.46
N GLY A 518 -5.93 -18.23 12.24
CA GLY A 518 -6.47 -19.17 13.22
C GLY A 518 -7.39 -18.49 14.22
N HIS A 519 -7.04 -17.28 14.66
CA HIS A 519 -7.90 -16.58 15.61
C HIS A 519 -9.27 -16.33 15.03
N ARG A 520 -9.35 -15.94 13.76
CA ARG A 520 -10.65 -15.57 13.20
C ARG A 520 -11.50 -16.79 12.84
N LEU A 521 -10.87 -17.87 12.38
CA LEU A 521 -11.58 -19.13 12.20
C LEU A 521 -12.14 -19.65 13.52
N ALA A 522 -11.39 -19.48 14.62
CA ALA A 522 -11.86 -19.96 15.92
C ALA A 522 -13.03 -19.15 16.44
N LEU A 523 -13.00 -17.82 16.27
CA LEU A 523 -14.20 -17.02 16.52
C LEU A 523 -15.40 -17.62 15.82
N ALA A 524 -15.27 -17.91 14.52
CA ALA A 524 -16.40 -18.45 13.77
C ALA A 524 -16.77 -19.83 14.29
N ALA A 525 -15.79 -20.70 14.55
CA ALA A 525 -16.13 -22.03 15.06
C ALA A 525 -16.90 -21.92 16.36
N ARG A 526 -16.53 -20.97 17.21
CA ARG A 526 -17.20 -20.86 18.50
C ARG A 526 -18.66 -20.51 18.33
N HIS A 527 -18.98 -19.64 17.36
CA HIS A 527 -20.37 -19.37 17.06
C HIS A 527 -21.04 -20.54 16.35
N VAL A 528 -20.47 -20.98 15.22
CA VAL A 528 -21.17 -21.91 14.34
C VAL A 528 -21.21 -23.32 14.93
N ALA A 529 -20.09 -23.80 15.47
CA ALA A 529 -20.03 -25.18 15.94
C ALA A 529 -20.37 -25.32 17.42
N TYR A 530 -20.03 -24.31 18.22
CA TYR A 530 -20.21 -24.38 19.66
C TYR A 530 -21.37 -23.53 20.16
N GLY A 531 -22.12 -22.91 19.24
CA GLY A 531 -23.35 -22.21 19.58
C GLY A 531 -23.15 -21.04 20.52
N GLU A 532 -21.96 -20.48 20.57
CA GLU A 532 -21.70 -19.34 21.45
C GLU A 532 -22.11 -18.04 20.77
N THR A 533 -22.40 -17.04 21.59
CA THR A 533 -22.68 -15.69 21.10
C THR A 533 -21.47 -14.81 21.37
N LEU A 534 -20.89 -14.27 20.30
CA LEU A 534 -19.70 -13.44 20.40
C LEU A 534 -19.56 -12.68 19.08
N VAL A 535 -18.67 -11.70 19.07
CA VAL A 535 -18.37 -11.01 17.82
C VAL A 535 -17.43 -11.91 17.02
N TYR A 536 -17.99 -12.65 16.06
CA TYR A 536 -17.19 -13.55 15.22
C TYR A 536 -17.02 -13.01 13.79
N SER A 537 -17.73 -11.95 13.43
CA SER A 537 -17.70 -11.43 12.09
C SER A 537 -17.68 -9.91 12.17
N ALA A 538 -17.06 -9.28 11.17
CA ALA A 538 -17.19 -7.85 11.00
C ALA A 538 -18.59 -7.57 10.44
N PRO A 539 -19.00 -6.30 10.36
CA PRO A 539 -20.28 -5.98 9.73
C PRO A 539 -20.36 -6.55 8.32
N VAL A 540 -21.55 -6.95 7.94
CA VAL A 540 -21.82 -7.54 6.63
C VAL A 540 -22.78 -6.64 5.88
N PHE A 541 -22.42 -6.30 4.64
CA PHE A 541 -23.30 -5.56 3.76
C PHE A 541 -24.60 -6.31 3.53
N LYS A 542 -25.72 -5.61 3.62
CA LYS A 542 -27.04 -6.22 3.48
C LYS A 542 -27.89 -5.59 2.40
N ARG A 543 -27.92 -4.26 2.30
CA ARG A 543 -28.89 -3.60 1.45
C ARG A 543 -28.34 -2.26 0.97
N ALA A 544 -28.73 -1.88 -0.25
CA ALA A 544 -28.26 -0.66 -0.85
C ALA A 544 -29.44 0.09 -1.46
N SER A 545 -29.43 1.40 -1.30
CA SER A 545 -30.39 2.27 -1.95
C SER A 545 -29.63 3.41 -2.60
N PHE A 546 -30.02 3.73 -3.83
CA PHE A 546 -29.43 4.82 -4.61
C PHE A 546 -30.52 5.87 -4.81
N ASP A 547 -30.41 6.98 -4.08
CA ASP A 547 -31.27 8.14 -4.28
C ASP A 547 -30.41 9.39 -4.19
N GLY A 548 -30.77 10.41 -4.97
CA GLY A 548 -29.88 11.53 -5.09
C GLY A 548 -28.59 11.06 -5.76
N GLY A 549 -27.52 11.81 -5.48
CA GLY A 549 -26.21 11.46 -6.01
C GLY A 549 -25.44 10.62 -5.02
N LYS A 550 -26.18 9.91 -4.15
CA LYS A 550 -25.62 9.16 -3.04
C LYS A 550 -26.10 7.72 -3.07
N ALA A 551 -25.27 6.83 -2.53
CA ALA A 551 -25.66 5.47 -2.21
C ALA A 551 -25.59 5.28 -0.70
N VAL A 552 -26.66 4.78 -0.11
CA VAL A 552 -26.66 4.44 1.31
C VAL A 552 -26.64 2.93 1.40
N LEU A 553 -25.66 2.40 2.12
CA LEU A 553 -25.47 0.97 2.24
C LEU A 553 -25.79 0.56 3.68
N GLY A 554 -26.67 -0.43 3.82
CA GLY A 554 -27.04 -0.93 5.14
C GLY A 554 -26.23 -2.17 5.50
N PHE A 555 -25.69 -2.17 6.71
CA PHE A 555 -24.89 -3.27 7.22
C PHE A 555 -25.59 -3.93 8.41
N ASP A 556 -25.41 -5.25 8.52
CA ASP A 556 -25.65 -5.97 9.76
C ASP A 556 -24.39 -5.80 10.62
N LEU A 557 -24.50 -5.08 11.73
CA LEU A 557 -23.31 -4.75 12.50
C LEU A 557 -22.71 -5.94 13.24
N GLN A 558 -23.41 -7.09 13.29
CA GLN A 558 -22.82 -8.31 13.82
C GLN A 558 -22.27 -8.10 15.24
N GLY A 559 -23.00 -7.34 16.05
CA GLY A 559 -22.64 -7.20 17.46
C GLY A 559 -21.57 -6.18 17.78
N SER A 560 -21.10 -5.41 16.80
CA SER A 560 -20.04 -4.45 17.08
C SER A 560 -20.42 -3.08 16.52
N ALA A 561 -19.42 -2.26 16.20
CA ALA A 561 -19.62 -0.96 15.57
C ALA A 561 -18.61 -0.80 14.45
N LEU A 562 -19.00 -0.08 13.41
CA LEU A 562 -18.10 0.20 12.30
C LEU A 562 -17.06 1.24 12.70
N GLN A 563 -15.79 0.97 12.42
CA GLN A 563 -14.76 1.98 12.58
C GLN A 563 -13.74 1.81 11.46
N VAL A 564 -12.68 2.60 11.50
CA VAL A 564 -11.76 2.75 10.38
C VAL A 564 -10.36 2.48 10.87
N ARG A 565 -9.67 1.55 10.22
CA ARG A 565 -8.29 1.25 10.58
C ARG A 565 -7.43 2.49 10.40
N GLY A 566 -6.64 2.81 11.43
CA GLY A 566 -5.87 4.04 11.43
C GLY A 566 -6.65 5.28 11.78
N GLY A 567 -7.98 5.22 11.86
CA GLY A 567 -8.79 6.31 12.35
C GLY A 567 -9.05 7.43 11.36
N GLY A 568 -8.64 7.31 10.10
CA GLY A 568 -8.86 8.40 9.16
C GLY A 568 -10.12 8.25 8.33
N ALA A 569 -10.04 8.67 7.07
CA ALA A 569 -11.16 8.57 6.15
C ALA A 569 -11.30 7.14 5.62
N VAL A 570 -12.53 6.76 5.31
CA VAL A 570 -12.81 5.41 4.81
C VAL A 570 -12.20 5.25 3.42
N GLN A 571 -11.38 4.21 3.25
CA GLN A 571 -10.80 3.90 1.94
C GLN A 571 -11.39 2.60 1.40
N GLY A 572 -11.39 2.47 0.07
CA GLY A 572 -11.74 1.21 -0.55
C GLY A 572 -13.03 1.19 -1.34
N PHE A 573 -13.79 2.29 -1.37
CA PHE A 573 -15.05 2.33 -2.08
C PHE A 573 -14.87 2.91 -3.47
N ARG A 574 -15.61 2.34 -4.43
CA ARG A 574 -15.73 2.89 -5.77
C ARG A 574 -17.19 2.88 -6.17
N ILE A 575 -17.57 3.78 -7.07
CA ILE A 575 -18.98 3.98 -7.38
C ILE A 575 -19.13 4.20 -8.89
N ALA A 576 -20.20 3.67 -9.46
CA ALA A 576 -20.39 3.70 -10.90
C ALA A 576 -21.78 4.17 -11.24
N GLY A 577 -21.87 4.89 -12.36
CA GLY A 577 -23.15 5.21 -12.97
C GLY A 577 -23.62 4.06 -13.84
N ALA A 578 -24.65 4.34 -14.63
CA ALA A 578 -25.19 3.34 -15.55
C ALA A 578 -24.19 2.94 -16.62
N ASP A 579 -23.15 3.75 -16.86
CA ASP A 579 -22.15 3.39 -17.86
C ASP A 579 -21.20 2.30 -17.36
N GLN A 580 -21.32 1.90 -16.09
CA GLN A 580 -20.55 0.81 -15.48
C GLN A 580 -19.07 1.15 -15.32
N ARG A 581 -18.71 2.42 -15.42
CA ARG A 581 -17.35 2.87 -15.12
C ARG A 581 -17.28 3.28 -13.65
N PHE A 582 -16.35 2.68 -12.91
CA PHE A 582 -16.24 2.91 -11.48
C PHE A 582 -15.19 3.99 -11.19
N HIS A 583 -15.54 4.93 -10.31
CA HIS A 583 -14.66 6.01 -9.89
C HIS A 583 -14.41 5.91 -8.39
N PRO A 584 -13.29 6.45 -7.90
CA PRO A 584 -13.07 6.48 -6.45
C PRO A 584 -14.17 7.28 -5.78
N ALA A 585 -14.52 6.87 -4.56
CA ALA A 585 -15.67 7.46 -3.88
C ALA A 585 -15.35 7.71 -2.42
N THR A 586 -16.05 8.69 -1.85
CA THR A 586 -16.00 9.01 -0.42
C THR A 586 -17.09 8.25 0.32
N ALA A 587 -16.82 7.95 1.58
CA ALA A 587 -17.75 7.16 2.39
C ALA A 587 -17.73 7.64 3.83
N GLN A 588 -18.92 7.76 4.42
CA GLN A 588 -19.09 8.20 5.80
C GLN A 588 -19.91 7.17 6.57
N ILE A 589 -19.48 6.88 7.79
CA ILE A 589 -20.15 5.91 8.66
C ILE A 589 -21.27 6.60 9.43
N ASP A 590 -22.43 5.93 9.52
CA ASP A 590 -23.59 6.45 10.27
C ASP A 590 -24.29 5.26 10.92
N GLY A 591 -23.76 4.82 12.06
CA GLY A 591 -24.35 3.66 12.74
C GLY A 591 -24.24 2.40 11.91
N ASP A 592 -25.35 1.90 11.38
CA ASP A 592 -25.33 0.68 10.58
C ASP A 592 -25.37 0.97 9.09
N ARG A 593 -25.13 2.22 8.69
CA ARG A 593 -25.13 2.61 7.30
C ARG A 593 -23.80 3.26 6.95
N VAL A 594 -23.43 3.14 5.68
CA VAL A 594 -22.32 3.88 5.10
C VAL A 594 -22.87 4.62 3.89
N ILE A 595 -22.63 5.92 3.82
CA ILE A 595 -23.13 6.71 2.71
C ILE A 595 -21.97 7.01 1.77
N VAL A 596 -22.14 6.67 0.50
CA VAL A 596 -21.05 6.68 -0.48
C VAL A 596 -21.43 7.60 -1.63
N ARG A 597 -20.46 8.36 -2.12
CA ARG A 597 -20.73 9.31 -3.19
C ARG A 597 -19.43 9.70 -3.88
N SER A 598 -19.57 10.34 -5.03
CA SER A 598 -18.42 10.76 -5.82
C SER A 598 -18.79 11.99 -6.63
N ASP A 599 -17.91 13.00 -6.60
CA ASP A 599 -18.10 14.18 -7.42
C ASP A 599 -18.31 13.83 -8.89
N ALA A 600 -17.79 12.70 -9.33
CA ALA A 600 -17.78 12.34 -10.74
C ALA A 600 -18.89 11.37 -11.12
N VAL A 601 -19.81 11.06 -10.21
CA VAL A 601 -20.94 10.17 -10.49
C VAL A 601 -22.20 10.83 -9.90
N ALA A 602 -22.98 11.50 -10.75
CA ALA A 602 -24.15 12.21 -10.26
C ALA A 602 -25.37 11.31 -10.11
N ALA A 603 -25.41 10.18 -10.81
CA ALA A 603 -26.52 9.23 -10.72
C ALA A 603 -25.94 7.83 -10.49
N PRO A 604 -25.51 7.54 -9.27
CA PRO A 604 -24.88 6.23 -9.03
C PRO A 604 -25.89 5.09 -9.05
N VAL A 605 -25.42 3.92 -9.49
CA VAL A 605 -26.29 2.75 -9.60
C VAL A 605 -25.64 1.52 -8.98
N ALA A 606 -24.34 1.60 -8.64
CA ALA A 606 -23.63 0.47 -8.05
C ALA A 606 -22.46 0.97 -7.20
N VAL A 607 -22.08 0.15 -6.21
CA VAL A 607 -20.93 0.43 -5.36
C VAL A 607 -20.11 -0.84 -5.23
N ARG A 608 -18.79 -0.70 -5.21
CA ARG A 608 -17.88 -1.83 -4.98
C ARG A 608 -16.91 -1.45 -3.88
N TYR A 609 -16.75 -2.33 -2.89
CA TYR A 609 -15.84 -2.11 -1.78
C TYR A 609 -14.76 -3.19 -1.79
N GLY A 610 -13.49 -2.77 -1.80
CA GLY A 610 -12.37 -3.68 -1.83
C GLY A 610 -12.41 -4.66 -2.99
N TRP A 611 -12.95 -4.23 -4.13
CA TRP A 611 -13.10 -5.10 -5.29
C TRP A 611 -11.84 -5.06 -6.15
N SER A 612 -10.79 -5.70 -5.64
CA SER A 612 -9.59 -5.92 -6.43
C SER A 612 -8.82 -7.08 -5.84
N GLU A 613 -7.81 -7.55 -6.57
CA GLU A 613 -7.03 -8.68 -6.08
C GLU A 613 -6.20 -8.31 -4.87
N ASN A 614 -5.74 -7.05 -4.77
CA ASN A 614 -4.93 -6.56 -3.65
C ASN A 614 -5.62 -5.36 -3.01
N PRO A 615 -6.71 -5.58 -2.27
CA PRO A 615 -7.38 -4.44 -1.59
C PRO A 615 -6.72 -4.12 -0.25
N ASP A 616 -5.46 -3.72 -0.31
CA ASP A 616 -4.73 -3.49 0.93
C ASP A 616 -4.97 -2.12 1.53
N ASP A 617 -5.70 -1.25 0.83
CA ASP A 617 -6.12 0.04 1.37
C ASP A 617 -7.44 -0.02 2.10
N ALA A 618 -8.36 -0.89 1.67
CA ALA A 618 -9.68 -1.01 2.30
C ALA A 618 -9.51 -1.11 3.80
N ASN A 619 -10.29 -0.29 4.54
CA ASN A 619 -9.96 -0.13 5.95
C ASN A 619 -11.17 -0.10 6.87
N LEU A 620 -12.35 -0.53 6.39
CA LEU A 620 -13.50 -0.67 7.29
C LEU A 620 -13.32 -1.91 8.17
N ILE A 621 -13.36 -1.71 9.49
CA ILE A 621 -13.21 -2.76 10.50
C ILE A 621 -14.31 -2.58 11.54
N ASN A 622 -14.33 -3.48 12.54
CA ASN A 622 -15.15 -3.26 13.72
C ASN A 622 -14.25 -2.96 14.91
N ARG A 623 -14.85 -2.87 16.11
CA ARG A 623 -14.08 -2.48 17.29
C ARG A 623 -13.12 -3.58 17.76
N ASP A 624 -13.32 -4.83 17.34
CA ASP A 624 -12.35 -5.90 17.60
C ASP A 624 -11.30 -6.03 16.49
N ALA A 625 -11.29 -5.10 15.54
CA ALA A 625 -10.34 -5.02 14.43
C ALA A 625 -10.52 -6.14 13.42
N LEU A 626 -11.71 -6.78 13.39
CA LEU A 626 -12.06 -7.69 12.30
C LEU A 626 -12.39 -6.88 11.05
N PRO A 627 -11.87 -7.24 9.89
CA PRO A 627 -12.12 -6.45 8.68
C PRO A 627 -13.45 -6.82 8.03
N VAL A 628 -14.10 -5.80 7.46
CA VAL A 628 -15.30 -6.04 6.67
C VAL A 628 -14.93 -6.72 5.36
N SER A 629 -15.74 -7.68 4.93
CA SER A 629 -15.48 -8.37 3.68
C SER A 629 -15.69 -7.44 2.50
N PRO A 630 -14.84 -7.53 1.47
CA PRO A 630 -15.17 -6.88 0.20
C PRO A 630 -16.55 -7.31 -0.28
N PHE A 631 -17.20 -6.46 -1.08
CA PHE A 631 -18.51 -6.79 -1.64
C PHE A 631 -18.79 -5.85 -2.81
N ARG A 632 -19.91 -6.12 -3.49
CA ARG A 632 -20.40 -5.25 -4.55
C ARG A 632 -21.91 -5.30 -4.54
N THR A 633 -22.55 -4.24 -5.07
CA THR A 633 -24.00 -4.19 -5.16
C THR A 633 -24.53 -4.69 -6.49
N ASP A 634 -23.71 -4.61 -7.55
CA ASP A 634 -24.11 -5.02 -8.89
C ASP A 634 -23.86 -6.50 -9.11
N THR A 635 -24.47 -7.03 -10.18
CA THR A 635 -24.19 -8.38 -10.67
C THR A 635 -23.62 -8.34 -12.08
N TRP A 636 -22.89 -7.27 -12.43
CA TRP A 636 -22.27 -7.12 -13.75
C TRP A 636 -21.10 -8.10 -13.94
N VAL B 22 11.75 63.32 -1.41
CA VAL B 22 12.52 62.33 -0.68
C VAL B 22 12.48 60.98 -1.42
N PRO B 23 13.63 60.33 -1.56
CA PRO B 23 13.67 59.09 -2.34
C PRO B 23 12.95 57.96 -1.62
N THR B 24 12.56 56.98 -2.42
CA THR B 24 11.84 55.82 -1.93
C THR B 24 12.43 54.57 -2.58
N LEU B 25 12.42 53.48 -1.85
CA LEU B 25 13.02 52.23 -2.30
C LEU B 25 11.94 51.17 -2.55
N PRO B 26 12.21 50.20 -3.43
CA PRO B 26 11.26 49.08 -3.60
C PRO B 26 11.17 48.25 -2.34
N LEU B 27 10.08 47.47 -2.25
CA LEU B 27 9.78 46.73 -1.03
C LEU B 27 10.85 45.70 -0.69
N LEU B 28 11.52 45.12 -1.70
CA LEU B 28 12.59 44.17 -1.43
C LEU B 28 13.77 44.82 -0.71
N LEU B 29 14.03 46.09 -0.96
CA LEU B 29 15.21 46.77 -0.39
C LEU B 29 14.76 47.49 0.87
N ALA B 30 14.57 46.69 1.94
CA ALA B 30 13.97 47.16 3.19
C ALA B 30 14.65 46.44 4.34
N ASP B 31 14.30 46.84 5.57
CA ASP B 31 14.96 46.35 6.77
C ASP B 31 15.05 44.83 6.79
N GLY B 32 16.24 44.31 7.05
CA GLY B 32 16.41 42.88 7.20
C GLY B 32 16.64 42.14 5.91
N ALA B 33 16.83 42.86 4.82
CA ALA B 33 17.02 42.23 3.52
C ALA B 33 18.27 41.36 3.51
N VAL B 34 18.23 40.34 2.67
CA VAL B 34 19.43 39.62 2.23
C VAL B 34 19.66 39.97 0.78
N LEU B 35 20.89 40.37 0.46
CA LEU B 35 21.28 40.73 -0.91
C LEU B 35 22.27 39.70 -1.43
N GLN B 36 22.17 39.41 -2.73
CA GLN B 36 22.99 38.36 -3.33
C GLN B 36 24.47 38.72 -3.33
N ARG B 37 25.27 37.86 -2.71
CA ARG B 37 26.72 38.05 -2.64
C ARG B 37 27.40 37.77 -3.98
N ASP B 38 28.61 38.33 -4.12
CA ASP B 38 29.56 37.96 -5.17
C ASP B 38 29.06 38.27 -6.56
N GLN B 39 28.16 39.23 -6.70
CA GLN B 39 27.87 39.78 -8.02
C GLN B 39 27.34 41.20 -7.83
N PRO B 40 27.37 42.03 -8.88
CA PRO B 40 27.01 43.44 -8.71
C PRO B 40 25.68 43.61 -8.01
N MET B 41 25.63 44.61 -7.15
CA MET B 41 24.51 44.77 -6.21
C MET B 41 23.65 45.94 -6.66
N PRO B 42 22.54 45.69 -7.36
CA PRO B 42 21.71 46.80 -7.85
C PRO B 42 20.90 47.42 -6.73
N VAL B 43 20.82 48.74 -6.75
CA VAL B 43 19.97 49.52 -5.85
C VAL B 43 19.24 50.54 -6.70
N TRP B 44 17.91 50.50 -6.68
CA TRP B 44 17.10 51.35 -7.53
C TRP B 44 15.94 51.90 -6.71
N GLY B 45 15.19 52.81 -7.32
CA GLY B 45 14.11 53.45 -6.61
C GLY B 45 13.66 54.71 -7.33
N TRP B 46 12.97 55.57 -6.58
CA TRP B 46 12.27 56.72 -7.13
C TRP B 46 12.59 57.98 -6.34
N SER B 47 12.35 59.10 -7.00
CA SER B 47 12.59 60.43 -6.43
C SER B 47 11.97 61.47 -7.37
N SER B 48 12.20 62.74 -7.06
CA SER B 48 11.87 63.79 -8.01
C SER B 48 12.67 63.59 -9.29
N PRO B 49 12.15 64.05 -10.42
CA PRO B 49 12.95 64.05 -11.66
C PRO B 49 14.28 64.75 -11.45
N ASN B 50 15.34 64.13 -11.97
CA ASN B 50 16.69 64.69 -11.98
C ASN B 50 17.24 64.93 -10.58
N ALA B 51 16.67 64.29 -9.57
CA ALA B 51 17.22 64.37 -8.22
C ALA B 51 18.59 63.71 -8.16
N ALA B 52 19.52 64.35 -7.48
CA ALA B 52 20.81 63.74 -7.20
C ALA B 52 20.63 62.79 -6.01
N ILE B 53 21.07 61.55 -6.19
CA ILE B 53 20.92 60.51 -5.18
C ILE B 53 22.30 59.98 -4.82
N ALA B 54 22.55 59.80 -3.52
CA ALA B 54 23.74 59.10 -3.04
C ALA B 54 23.31 57.83 -2.33
N VAL B 55 24.02 56.72 -2.62
CA VAL B 55 23.74 55.41 -2.03
C VAL B 55 25.02 54.91 -1.37
N SER B 56 24.94 54.56 -0.09
CA SER B 56 26.07 54.07 0.68
C SER B 56 25.82 52.66 1.19
N PHE B 57 26.85 51.81 1.12
CA PHE B 57 26.79 50.47 1.67
C PHE B 57 28.19 50.01 2.04
N ASP B 58 28.40 49.70 3.32
CA ASP B 58 29.65 49.14 3.82
C ASP B 58 30.87 49.92 3.30
N GLY B 59 30.80 51.24 3.42
CA GLY B 59 31.91 52.09 3.07
C GLY B 59 32.07 52.41 1.60
N LYS B 60 31.20 51.90 0.73
CA LYS B 60 31.21 52.30 -0.67
C LYS B 60 30.06 53.26 -0.91
N ARG B 61 30.31 54.26 -1.75
CA ARG B 61 29.37 55.36 -1.96
C ARG B 61 29.28 55.64 -3.44
N ALA B 62 28.10 55.48 -4.01
CA ALA B 62 27.86 55.72 -5.42
C ALA B 62 26.78 56.77 -5.57
N THR B 63 27.01 57.71 -6.48
CA THR B 63 26.03 58.77 -6.75
C THR B 63 25.51 58.65 -8.17
N VAL B 64 24.31 59.17 -8.38
CA VAL B 64 23.65 59.07 -9.68
C VAL B 64 22.57 60.14 -9.71
N LYS B 65 22.16 60.51 -10.91
CA LYS B 65 21.09 61.48 -11.10
C LYS B 65 19.86 60.73 -11.60
N ALA B 66 18.72 61.01 -11.01
CA ALA B 66 17.49 60.39 -11.50
C ALA B 66 17.15 60.95 -12.88
N ASP B 67 16.37 60.18 -13.63
CA ASP B 67 15.97 60.62 -14.96
C ASP B 67 14.75 61.55 -14.84
N ALA B 68 14.19 61.93 -15.99
CA ALA B 68 13.02 62.80 -16.00
C ALA B 68 11.81 62.13 -15.37
N THR B 69 11.74 60.80 -15.43
CA THR B 69 10.66 60.05 -14.78
C THR B 69 10.71 60.17 -13.26
N GLY B 70 11.87 60.46 -12.69
CA GLY B 70 12.05 60.28 -11.27
C GLY B 70 12.49 58.88 -10.88
N GLN B 71 13.11 58.15 -11.78
CA GLN B 71 13.67 56.84 -11.49
C GLN B 71 15.18 56.95 -11.40
N TRP B 72 15.78 56.14 -10.55
CA TRP B 72 17.23 56.12 -10.43
C TRP B 72 17.66 54.70 -10.14
N LYS B 73 18.88 54.38 -10.55
CA LYS B 73 19.47 53.09 -10.20
C LYS B 73 20.97 53.22 -10.20
N VAL B 74 21.61 52.38 -9.40
CA VAL B 74 23.06 52.34 -9.31
C VAL B 74 23.47 50.89 -9.06
N ARG B 75 24.70 50.56 -9.43
CA ARG B 75 25.24 49.21 -9.25
C ARG B 75 26.40 49.29 -8.29
N LEU B 76 26.25 48.70 -7.12
CA LEU B 76 27.32 48.67 -6.14
C LEU B 76 28.25 47.49 -6.43
N PRO B 77 29.46 47.52 -5.89
CA PRO B 77 30.40 46.41 -6.14
C PRO B 77 29.86 45.08 -5.64
N ALA B 78 30.29 44.02 -6.32
CA ALA B 78 30.08 42.67 -5.80
C ALA B 78 30.67 42.56 -4.40
N HIS B 79 29.89 42.01 -3.48
CA HIS B 79 30.24 41.99 -2.07
C HIS B 79 30.25 40.54 -1.58
N ALA B 80 31.16 40.24 -0.66
CA ALA B 80 31.24 38.92 -0.06
C ALA B 80 30.24 38.81 1.09
N ALA B 81 30.02 37.59 1.57
CA ALA B 81 29.00 37.36 2.60
C ALA B 81 29.37 38.10 3.89
N GLY B 82 28.35 38.61 4.58
CA GLY B 82 28.60 39.37 5.79
C GLY B 82 27.36 40.12 6.25
N GLY B 83 27.57 41.00 7.22
CA GLY B 83 26.51 41.76 7.83
C GLY B 83 26.50 41.68 9.34
N PRO B 84 25.62 42.44 9.98
CA PRO B 84 24.63 43.31 9.31
C PRO B 84 25.18 44.66 8.88
N TYR B 85 24.69 45.15 7.74
CA TYR B 85 25.08 46.44 7.19
C TYR B 85 23.87 47.36 7.13
N VAL B 86 24.14 48.65 7.02
CA VAL B 86 23.10 49.66 6.83
C VAL B 86 23.25 50.24 5.43
N LEU B 87 22.14 50.23 4.69
CA LEU B 87 22.09 50.77 3.35
C LEU B 87 21.44 52.14 3.44
N ARG B 88 22.19 53.18 3.11
CA ARG B 88 21.74 54.56 3.25
C ARG B 88 21.49 55.15 1.87
N VAL B 89 20.37 55.82 1.71
CA VAL B 89 20.05 56.52 0.49
C VAL B 89 19.84 57.98 0.87
N GLN B 90 20.59 58.86 0.25
CA GLN B 90 20.58 60.28 0.57
C GLN B 90 20.10 61.07 -0.64
N GLY B 91 19.05 61.87 -0.43
CA GLY B 91 18.67 62.89 -1.38
C GLY B 91 18.76 64.26 -0.70
N ASP B 92 18.32 65.32 -1.39
CA ASP B 92 18.33 66.65 -0.78
C ASP B 92 17.25 66.81 0.29
N GLY B 93 16.23 65.97 0.29
CA GLY B 93 15.19 66.04 1.31
C GLY B 93 15.44 65.23 2.55
N GLY B 94 16.43 64.34 2.52
CA GLY B 94 16.74 63.55 3.68
C GLY B 94 17.35 62.21 3.28
N GLU B 95 17.57 61.39 4.28
CA GLU B 95 18.17 60.09 4.12
C GLU B 95 17.17 59.02 4.47
N LEU B 96 17.24 57.91 3.74
CA LEU B 96 16.63 56.66 4.13
C LEU B 96 17.73 55.77 4.65
N GLN B 97 17.42 54.96 5.66
CA GLN B 97 18.38 53.97 6.12
C GLN B 97 17.68 52.63 6.23
N VAL B 98 18.30 51.62 5.64
CA VAL B 98 17.78 50.26 5.63
C VAL B 98 18.68 49.44 6.55
N ARG B 99 18.11 48.97 7.65
CA ARG B 99 18.85 48.34 8.74
C ARG B 99 18.95 46.83 8.54
N ASP B 100 19.96 46.25 9.21
CA ASP B 100 20.04 44.80 9.40
C ASP B 100 20.11 44.05 8.08
N VAL B 101 20.87 44.59 7.13
CA VAL B 101 21.02 44.00 5.80
C VAL B 101 22.17 43.01 5.83
N LEU B 102 21.89 41.77 5.39
CA LEU B 102 22.93 40.77 5.21
C LEU B 102 23.24 40.58 3.73
N VAL B 103 24.43 40.04 3.46
CA VAL B 103 24.86 39.66 2.12
C VAL B 103 25.09 38.16 2.15
N GLY B 104 24.40 37.45 1.27
CA GLY B 104 24.49 36.00 1.26
C GLY B 104 23.89 35.45 -0.01
N ASP B 105 23.24 34.30 0.06
CA ASP B 105 22.62 33.71 -1.12
C ASP B 105 21.10 33.83 -1.01
N VAL B 106 20.48 34.35 -2.06
CA VAL B 106 19.03 34.56 -2.11
C VAL B 106 18.44 33.52 -3.06
N TRP B 107 17.45 32.78 -2.59
CA TRP B 107 16.77 31.77 -3.40
C TRP B 107 15.31 32.16 -3.55
N LEU B 108 14.84 32.11 -4.79
CA LEU B 108 13.43 32.30 -5.07
C LEU B 108 12.70 30.96 -4.95
N ALA B 109 11.65 30.94 -4.13
CA ALA B 109 10.87 29.73 -3.85
C ALA B 109 9.45 29.90 -4.37
N GLY B 110 9.03 29.06 -5.32
CA GLY B 110 7.78 29.25 -6.02
C GLY B 110 6.93 27.99 -6.01
N GLY B 111 5.64 28.16 -6.37
CA GLY B 111 4.78 27.04 -6.68
C GLY B 111 3.45 27.15 -5.97
N GLN B 112 2.79 26.00 -5.82
CA GLN B 112 1.48 26.00 -5.17
C GLN B 112 1.60 25.56 -3.70
N ASN B 114 2.16 23.09 -1.58
CA ASN B 114 3.18 22.34 -0.87
C ASN B 114 4.48 23.14 -0.72
N MET B 115 4.67 24.16 -1.55
CA MET B 115 5.70 25.16 -1.25
C MET B 115 5.17 26.24 -0.32
N GLU B 116 3.88 26.58 -0.45
CA GLU B 116 3.28 27.58 0.43
C GLU B 116 3.22 27.08 1.87
N TRP B 117 3.09 25.77 2.05
CA TRP B 117 2.83 25.10 3.31
C TRP B 117 3.78 25.62 4.38
N PRO B 118 3.29 26.14 5.51
CA PRO B 118 4.17 26.80 6.47
C PRO B 118 4.78 25.85 7.49
N LEU B 119 5.96 26.26 7.96
CA LEU B 119 6.73 25.45 8.89
C LEU B 119 5.93 25.05 10.10
N ALA B 120 4.96 25.88 10.49
CA ALA B 120 4.20 25.57 11.71
C ALA B 120 3.35 24.33 11.53
N GLN B 121 3.02 23.99 10.29
CA GLN B 121 2.21 22.82 9.97
C GLN B 121 3.03 21.67 9.41
N ALA B 122 4.36 21.79 9.45
CA ALA B 122 5.23 20.68 9.11
C ALA B 122 5.17 19.61 10.20
N SER B 123 5.63 18.41 9.85
CA SER B 123 5.53 17.27 10.76
C SER B 123 6.26 17.53 12.07
N ASP B 124 7.41 18.22 12.01
CA ASP B 124 8.13 18.64 13.20
C ASP B 124 7.94 20.14 13.46
N GLY B 125 6.77 20.66 13.08
CA GLY B 125 6.53 22.09 13.02
C GLY B 125 6.91 22.85 14.28
N PRO B 126 6.10 22.69 15.34
CA PRO B 126 6.39 23.44 16.57
C PRO B 126 7.80 23.26 17.09
N GLN B 127 8.36 22.04 17.01
CA GLN B 127 9.73 21.82 17.50
C GLN B 127 10.76 22.44 16.57
N ALA B 128 10.49 22.41 15.26
CA ALA B 128 11.39 23.08 14.31
C ALA B 128 11.28 24.59 14.46
N VAL B 129 10.07 25.11 14.67
CA VAL B 129 9.91 26.54 14.97
C VAL B 129 10.68 26.91 16.23
N ALA B 130 10.59 26.09 17.27
CA ALA B 130 11.28 26.40 18.53
C ALA B 130 12.79 26.37 18.38
N ALA B 131 13.31 25.47 17.55
CA ALA B 131 14.73 25.42 17.28
C ALA B 131 15.18 26.38 16.19
N ALA B 132 14.25 27.15 15.61
CA ALA B 132 14.60 28.13 14.57
C ALA B 132 15.15 29.38 15.25
N ASN B 133 16.45 29.38 15.53
CA ASN B 133 17.08 30.52 16.19
C ASN B 133 18.25 31.04 15.37
N ASP B 134 18.01 31.31 14.09
CA ASP B 134 19.05 31.73 13.17
C ASP B 134 18.67 33.08 12.61
N ALA B 135 19.37 34.12 13.04
CA ALA B 135 19.12 35.47 12.54
C ALA B 135 19.69 35.69 11.15
N GLN B 136 20.45 34.74 10.61
CA GLN B 136 21.01 34.87 9.27
C GLN B 136 20.21 34.11 8.22
N LEU B 137 19.07 33.55 8.60
CA LEU B 137 18.12 32.89 7.70
C LEU B 137 16.86 33.73 7.70
N ARG B 138 16.44 34.20 6.51
CA ARG B 138 15.35 35.18 6.41
C ARG B 138 14.46 34.88 5.20
N GLN B 139 13.20 35.30 5.29
CA GLN B 139 12.20 35.09 4.25
C GLN B 139 11.49 36.40 3.92
N PHE B 140 11.21 36.62 2.64
CA PHE B 140 10.35 37.70 2.19
C PHE B 140 9.13 37.06 1.53
N LYS B 141 7.94 37.37 2.05
CA LYS B 141 6.71 36.72 1.61
C LYS B 141 6.04 37.64 0.60
N VAL B 142 5.98 37.21 -0.66
CA VAL B 142 5.31 38.00 -1.69
C VAL B 142 3.81 37.79 -1.49
N PRO B 143 3.04 38.85 -1.33
CA PRO B 143 1.58 38.69 -1.14
C PRO B 143 0.91 38.12 -2.37
N LYS B 144 -0.07 37.25 -2.14
CA LYS B 144 -0.86 36.71 -3.25
C LYS B 144 -1.56 37.86 -3.97
N SER B 145 -1.23 38.04 -5.24
CA SER B 145 -1.73 39.18 -5.98
C SER B 145 -1.52 38.92 -7.46
N TRP B 146 -2.38 39.49 -8.27
CA TRP B 146 -2.36 39.25 -9.71
C TRP B 146 -2.56 40.55 -10.45
N SER B 147 -2.29 40.51 -11.76
CA SER B 147 -2.47 41.66 -12.61
C SER B 147 -2.56 41.20 -14.05
N VAL B 148 -3.39 41.91 -14.83
CA VAL B 148 -3.46 41.63 -16.25
C VAL B 148 -2.23 42.10 -17.01
N GLN B 149 -1.33 42.86 -16.38
CA GLN B 149 -0.13 43.39 -17.02
C GLN B 149 1.09 43.18 -16.15
N PRO B 150 2.26 42.98 -16.76
CA PRO B 150 3.49 42.87 -15.97
C PRO B 150 3.73 44.12 -15.15
N GLN B 151 4.06 43.92 -13.87
CA GLN B 151 4.16 44.98 -12.89
C GLN B 151 5.61 45.20 -12.49
N ALA B 152 5.95 46.44 -12.17
CA ALA B 152 7.30 46.77 -11.76
C ALA B 152 7.46 46.81 -10.24
N ARG B 153 6.35 46.87 -9.49
CA ARG B 153 6.39 47.05 -8.05
C ARG B 153 5.57 45.97 -7.35
N LEU B 154 5.96 45.68 -6.12
CA LEU B 154 5.18 44.81 -5.26
C LEU B 154 4.18 45.63 -4.46
N THR B 155 3.17 44.96 -3.93
CA THR B 155 2.11 45.58 -3.16
C THR B 155 2.30 45.42 -1.66
N GLY B 156 3.21 44.55 -1.24
CA GLY B 156 3.48 44.34 0.16
C GLY B 156 4.64 43.40 0.31
N GLY B 157 4.89 43.01 1.55
CA GLY B 157 5.95 42.09 1.88
C GLY B 157 7.06 42.77 2.67
N GLU B 158 7.68 42.00 3.56
CA GLU B 158 8.77 42.46 4.41
C GLU B 158 9.68 41.28 4.70
N TRP B 159 10.93 41.58 5.06
CA TRP B 159 11.87 40.52 5.44
C TRP B 159 11.66 40.13 6.90
N LYS B 160 11.57 38.83 7.16
CA LYS B 160 11.48 38.34 8.54
C LYS B 160 12.58 37.32 8.78
N ALA B 161 13.21 37.39 9.94
CA ALA B 161 14.31 36.51 10.29
C ALA B 161 13.80 35.27 11.00
N ALA B 162 14.56 34.17 10.86
CA ALA B 162 14.15 32.85 11.33
C ALA B 162 14.24 32.80 12.86
N THR B 163 13.20 33.31 13.50
CA THR B 163 13.03 33.29 14.94
C THR B 163 11.76 32.55 15.27
N PRO B 164 11.60 32.07 16.51
CA PRO B 164 10.39 31.28 16.81
C PRO B 164 9.11 32.08 16.69
N ALA B 165 9.15 33.38 16.94
CA ALA B 165 7.97 34.20 16.70
C ALA B 165 7.62 34.29 15.22
N ASN B 166 8.63 34.28 14.33
CA ASN B 166 8.39 34.43 12.89
C ASN B 166 8.45 33.13 12.10
N ALA B 167 9.25 32.15 12.53
CA ALA B 167 9.56 31.01 11.66
C ALA B 167 8.32 30.21 11.28
N GLY B 168 7.25 30.26 12.09
CA GLY B 168 6.06 29.49 11.78
C GLY B 168 5.45 29.82 10.43
N GLU B 169 5.60 31.07 9.96
CA GLU B 169 5.02 31.51 8.71
C GLU B 169 5.95 31.33 7.50
N PHE B 170 7.16 30.84 7.73
CA PHE B 170 8.06 30.52 6.62
C PHE B 170 7.52 29.33 5.84
N THR B 171 7.70 29.34 4.53
CA THR B 171 7.53 28.11 3.77
C THR B 171 8.34 27.00 4.44
N ALA B 172 7.68 25.88 4.71
CA ALA B 172 8.37 24.76 5.36
C ALA B 172 9.49 24.25 4.49
N VAL B 173 9.20 24.01 3.21
CA VAL B 173 10.21 23.48 2.31
C VAL B 173 11.34 24.48 2.15
N GLY B 174 11.01 25.76 1.98
CA GLY B 174 12.06 26.77 1.85
C GLY B 174 12.89 26.93 3.10
N TYR B 175 12.26 26.85 4.28
CA TYR B 175 13.03 26.91 5.52
C TYR B 175 14.05 25.78 5.61
N PHE B 176 13.60 24.53 5.45
CA PHE B 176 14.53 23.41 5.62
C PHE B 176 15.61 23.42 4.54
N PHE B 177 15.24 23.76 3.31
CA PHE B 177 16.22 24.04 2.26
C PHE B 177 17.27 25.05 2.74
N ALA B 178 16.81 26.19 3.25
CA ALA B 178 17.73 27.24 3.66
C ALA B 178 18.59 26.79 4.84
N LYS B 179 17.99 26.08 5.79
CA LYS B 179 18.73 25.56 6.92
C LYS B 179 19.86 24.64 6.48
N GLU B 180 19.60 23.80 5.47
CA GLU B 180 20.65 22.95 4.92
C GLU B 180 21.77 23.79 4.32
N LEU B 181 21.40 24.81 3.55
CA LEU B 181 22.42 25.62 2.88
C LEU B 181 23.18 26.51 3.86
N ARG B 182 22.53 26.96 4.93
CA ARG B 182 23.26 27.66 5.99
C ARG B 182 24.40 26.79 6.50
N ALA B 183 24.15 25.50 6.71
CA ALA B 183 25.17 24.57 7.17
C ALA B 183 26.26 24.36 6.12
N SER B 184 25.88 24.15 4.87
CA SER B 184 26.88 23.76 3.88
C SER B 184 27.67 24.95 3.32
N THR B 185 27.10 26.15 3.33
CA THR B 185 27.79 27.32 2.80
C THR B 185 28.37 28.21 3.88
N GLY B 186 27.82 28.17 5.09
CA GLY B 186 28.21 29.11 6.12
C GLY B 186 27.88 30.56 5.85
N VAL B 187 26.94 30.86 4.96
CA VAL B 187 26.61 32.26 4.65
C VAL B 187 25.13 32.47 4.97
N PRO B 188 24.70 33.73 5.10
CA PRO B 188 23.25 34.00 5.25
C PRO B 188 22.47 33.56 4.03
N ILE B 189 21.22 33.14 4.26
CA ILE B 189 20.32 32.66 3.21
C ILE B 189 19.03 33.47 3.27
N GLY B 190 18.65 34.06 2.14
CA GLY B 190 17.33 34.67 1.98
C GLY B 190 16.45 33.81 1.10
N ILE B 191 15.21 33.62 1.53
CA ILE B 191 14.19 32.94 0.74
C ILE B 191 13.16 33.99 0.32
N VAL B 192 13.01 34.20 -0.97
CA VAL B 192 11.89 34.99 -1.48
C VAL B 192 10.77 34.01 -1.79
N ASN B 193 9.71 34.07 -0.97
CA ASN B 193 8.58 33.13 -1.01
C ASN B 193 7.48 33.73 -1.88
N SER B 194 7.28 33.15 -3.07
CA SER B 194 6.28 33.63 -4.03
C SER B 194 5.42 32.43 -4.45
N THR B 195 4.34 32.18 -3.70
CA THR B 195 3.56 30.95 -3.83
C THR B 195 2.08 31.26 -3.71
N TRP B 196 1.26 30.30 -4.20
CA TRP B 196 -0.19 30.48 -4.19
C TRP B 196 -0.82 29.11 -4.39
N GLY B 197 -1.57 28.65 -3.39
CA GLY B 197 -2.17 27.32 -3.46
C GLY B 197 -3.12 27.19 -4.63
N GLY B 198 -3.16 25.97 -5.19
CA GLY B 198 -4.05 25.67 -6.30
C GLY B 198 -3.70 26.27 -7.65
N SER B 199 -2.57 26.97 -7.76
CA SER B 199 -2.25 27.67 -8.99
C SER B 199 -1.79 26.68 -10.07
N ALA B 200 -2.12 27.01 -11.30
CA ALA B 200 -1.70 26.27 -12.48
C ALA B 200 -0.47 26.94 -13.07
N ILE B 201 0.37 26.14 -13.73
CA ILE B 201 1.65 26.69 -14.20
C ILE B 201 1.45 27.80 -15.23
N GLU B 202 0.34 27.74 -16.00
CA GLU B 202 0.04 28.81 -16.95
C GLU B 202 -0.01 30.19 -16.27
N ALA B 203 -0.50 30.25 -15.03
CA ALA B 203 -0.56 31.52 -14.31
C ALA B 203 0.84 32.09 -14.03
N TRP B 204 1.85 31.23 -13.93
CA TRP B 204 3.22 31.62 -13.61
C TRP B 204 4.09 31.88 -14.85
N MET B 205 3.53 31.80 -16.05
CA MET B 205 4.29 31.99 -17.28
C MET B 205 3.88 33.30 -17.94
N ASP B 206 4.84 33.95 -18.59
CA ASP B 206 4.50 35.19 -19.28
C ASP B 206 3.77 34.89 -20.60
N ALA B 207 3.24 35.94 -21.20
CA ALA B 207 2.44 35.76 -22.43
C ALA B 207 3.25 35.07 -23.51
N ALA B 208 4.53 35.43 -23.65
CA ALA B 208 5.34 34.89 -24.74
C ALA B 208 5.54 33.38 -24.60
N SER B 209 6.02 32.93 -23.43
CA SER B 209 6.30 31.52 -23.23
C SER B 209 5.07 30.64 -23.43
N LEU B 210 3.86 31.21 -23.32
CA LEU B 210 2.62 30.49 -23.57
C LEU B 210 2.21 30.49 -25.05
N GLY B 211 2.34 31.63 -25.72
CA GLY B 211 1.97 31.74 -27.12
C GLY B 211 0.79 32.66 -27.37
N ASP B 395 -11.98 29.50 -13.59
CA ASP B 395 -11.98 30.94 -13.73
C ASP B 395 -11.43 31.60 -12.45
N ASN B 396 -10.82 30.79 -11.60
CA ASN B 396 -9.97 31.35 -10.55
C ASN B 396 -8.75 32.00 -11.19
N LYS B 397 -8.33 33.14 -10.64
CA LYS B 397 -7.24 33.88 -11.26
C LYS B 397 -5.90 33.14 -11.13
N ASN B 398 -5.72 32.34 -10.07
CA ASN B 398 -4.49 31.57 -9.94
C ASN B 398 -4.36 30.47 -10.98
N GLN B 399 -5.32 30.33 -11.88
CA GLN B 399 -5.22 29.35 -12.95
C GLN B 399 -5.27 30.00 -14.33
N LEU B 400 -5.37 31.36 -14.41
CA LEU B 400 -5.43 31.92 -15.74
C LEU B 400 -4.04 32.37 -16.18
N PRO B 401 -3.79 32.36 -17.48
CA PRO B 401 -2.43 32.61 -17.98
C PRO B 401 -1.89 33.96 -17.54
N THR B 402 -0.61 33.96 -17.16
CA THR B 402 0.24 35.12 -16.90
C THR B 402 -0.09 35.90 -15.63
N LEU B 403 -1.30 35.76 -15.09
CA LEU B 403 -1.78 36.73 -14.12
C LEU B 403 -0.93 36.73 -12.85
N LEU B 404 -0.42 35.57 -12.45
CA LEU B 404 0.42 35.55 -11.25
C LEU B 404 1.85 35.94 -11.57
N TYR B 405 2.37 35.50 -12.73
CA TYR B 405 3.69 35.95 -13.18
C TYR B 405 3.79 37.47 -13.16
N ASN B 406 2.75 38.16 -13.63
CA ASN B 406 2.83 39.61 -13.83
C ASN B 406 3.03 40.36 -12.52
N GLN B 407 2.48 39.84 -11.41
CA GLN B 407 2.51 40.58 -10.15
C GLN B 407 3.36 39.92 -9.08
N MET B 408 3.68 38.63 -9.20
CA MET B 408 4.45 37.93 -8.16
C MET B 408 5.81 37.44 -8.62
N ILE B 409 6.12 37.50 -9.91
CA ILE B 409 7.44 37.14 -10.42
C ILE B 409 8.11 38.33 -11.10
N HIS B 410 7.43 38.95 -12.06
CA HIS B 410 8.02 40.03 -12.84
C HIS B 410 8.59 41.16 -12.00
N PRO B 411 7.92 41.64 -10.92
CA PRO B 411 8.54 42.68 -10.10
C PRO B 411 9.83 42.27 -9.43
N LEU B 412 10.10 40.96 -9.29
CA LEU B 412 11.30 40.50 -8.60
C LEU B 412 12.50 40.41 -9.52
N GLN B 413 12.29 40.45 -10.83
CA GLN B 413 13.38 40.12 -11.74
C GLN B 413 14.61 41.02 -11.61
N PRO B 414 14.51 42.32 -11.28
CA PRO B 414 15.74 43.09 -11.02
C PRO B 414 16.50 42.66 -9.78
N PHE B 415 15.90 41.83 -8.92
CA PHE B 415 16.54 41.44 -7.67
C PHE B 415 17.32 40.16 -7.92
N PRO B 416 18.66 40.20 -7.93
CA PRO B 416 19.43 38.99 -8.27
C PRO B 416 19.24 37.87 -7.26
N VAL B 417 19.14 36.64 -7.76
CA VAL B 417 19.04 35.47 -6.90
C VAL B 417 20.10 34.46 -7.32
N LYS B 418 20.45 33.59 -6.37
CA LYS B 418 21.36 32.48 -6.64
C LYS B 418 20.70 31.38 -7.47
N GLY B 419 19.41 31.15 -7.27
CA GLY B 419 18.68 30.16 -8.05
C GLY B 419 17.21 30.11 -7.64
N VAL B 420 16.51 29.10 -8.16
CA VAL B 420 15.07 28.90 -7.92
C VAL B 420 14.85 27.50 -7.39
N ILE B 421 14.00 27.38 -6.35
CA ILE B 421 13.36 26.11 -6.03
C ILE B 421 11.87 26.25 -6.27
N TRP B 422 11.23 25.12 -6.58
CA TRP B 422 9.92 25.14 -7.20
C TRP B 422 9.18 23.86 -6.84
N TYR B 423 7.89 23.97 -6.52
CA TYR B 423 7.12 22.81 -6.09
C TYR B 423 5.67 23.08 -6.53
N GLN B 424 5.34 22.61 -7.72
CA GLN B 424 4.07 22.88 -8.39
C GLN B 424 3.79 21.75 -9.36
N GLY B 425 2.52 21.58 -9.69
CA GLY B 425 2.18 20.62 -10.72
C GLY B 425 0.94 19.81 -10.40
N GLU B 426 0.62 19.71 -9.10
CA GLU B 426 -0.61 19.03 -8.70
C GLU B 426 -1.81 19.51 -9.51
N THR B 427 -1.90 20.81 -9.78
CA THR B 427 -3.06 21.36 -10.49
C THR B 427 -3.10 20.93 -11.94
N ASN B 428 -1.94 20.74 -12.57
CA ASN B 428 -1.84 20.38 -13.98
C ASN B 428 -1.79 18.89 -14.25
N ALA B 429 -1.84 18.05 -13.20
CA ALA B 429 -1.76 16.59 -13.35
C ALA B 429 -3.15 16.02 -13.68
N THR B 430 -3.56 16.25 -14.93
CA THR B 430 -4.92 15.98 -15.38
C THR B 430 -4.83 15.30 -16.73
N ASP B 431 -5.93 14.66 -17.13
CA ASP B 431 -5.99 14.05 -18.45
C ASP B 431 -5.47 14.99 -19.52
N THR B 432 -5.87 16.27 -19.44
CA THR B 432 -5.51 17.24 -20.47
C THR B 432 -4.18 17.94 -20.22
N GLY B 433 -3.71 17.98 -18.97
CA GLY B 433 -2.55 18.80 -18.67
C GLY B 433 -1.21 18.09 -18.50
N ALA B 434 -1.21 16.78 -18.20
CA ALA B 434 -0.03 16.14 -17.62
C ALA B 434 1.12 16.01 -18.61
N VAL B 435 0.86 15.59 -19.84
CA VAL B 435 1.93 15.47 -20.83
C VAL B 435 2.38 16.85 -21.30
N LYS B 436 1.41 17.72 -21.59
CA LYS B 436 1.68 19.07 -22.05
C LYS B 436 2.57 19.85 -21.07
N TYR B 437 2.49 19.50 -19.77
CA TYR B 437 3.31 20.14 -18.76
C TYR B 437 4.79 20.13 -19.12
N ARG B 438 5.27 19.10 -19.83
CA ARG B 438 6.71 19.07 -20.08
C ARG B 438 7.13 20.23 -20.97
N GLU B 439 6.30 20.56 -21.96
CA GLU B 439 6.62 21.71 -22.79
C GLU B 439 6.45 23.01 -22.02
N GLN B 440 5.37 23.15 -21.25
CA GLN B 440 5.12 24.40 -20.51
C GLN B 440 6.23 24.67 -19.50
N PHE B 441 6.58 23.65 -18.71
CA PHE B 441 7.59 23.79 -17.66
C PHE B 441 8.94 24.23 -18.22
N ALA B 442 9.37 23.60 -19.31
CA ALA B 442 10.62 23.98 -19.94
C ALA B 442 10.57 25.42 -20.45
N ALA B 443 9.45 25.80 -21.07
CA ALA B 443 9.27 27.18 -21.55
C ALA B 443 9.34 28.19 -20.40
N MET B 444 8.72 27.88 -19.25
CA MET B 444 8.77 28.78 -18.12
C MET B 444 10.19 28.95 -17.61
N ILE B 445 10.88 27.83 -17.35
CA ILE B 445 12.27 27.89 -16.89
C ILE B 445 13.11 28.74 -17.84
N ARG B 446 12.97 28.48 -19.15
CA ARG B 446 13.77 29.23 -20.12
C ARG B 446 13.40 30.70 -20.10
N GLN B 447 12.12 31.01 -19.93
CA GLN B 447 11.70 32.42 -19.99
C GLN B 447 12.15 33.18 -18.75
N TRP B 448 11.95 32.60 -17.56
CA TRP B 448 12.44 33.28 -16.36
C TRP B 448 13.94 33.48 -16.42
N ARG B 449 14.69 32.49 -16.92
CA ARG B 449 16.14 32.65 -17.01
C ARG B 449 16.51 33.76 -17.98
N ALA B 450 15.85 33.79 -19.14
CA ALA B 450 16.18 34.80 -20.15
C ALA B 450 15.86 36.21 -19.63
N GLU B 451 14.74 36.37 -18.94
CA GLU B 451 14.38 37.67 -18.39
C GLU B 451 15.36 38.10 -17.30
N ARG B 452 16.00 37.15 -16.61
CA ARG B 452 17.00 37.48 -15.60
C ARG B 452 18.42 37.60 -16.17
N GLY B 453 18.62 37.29 -17.45
CA GLY B 453 19.92 37.45 -18.06
C GLY B 453 20.90 36.35 -17.73
N ASP B 454 20.42 35.16 -17.36
CA ASP B 454 21.29 34.06 -16.95
C ASP B 454 20.66 32.78 -17.49
N LYS B 455 21.10 32.34 -18.67
CA LYS B 455 20.53 31.15 -19.27
C LYS B 455 20.86 29.87 -18.50
N THR B 456 21.75 29.92 -17.50
CA THR B 456 21.99 28.75 -16.66
C THR B 456 21.76 29.05 -15.18
N LEU B 457 20.80 29.93 -14.87
CA LEU B 457 20.41 30.14 -13.48
C LEU B 457 19.87 28.84 -12.90
N PRO B 458 20.41 28.36 -11.79
CA PRO B 458 19.97 27.05 -11.26
C PRO B 458 18.47 27.03 -10.99
N PHE B 459 17.83 25.93 -11.37
CA PHE B 459 16.40 25.80 -11.21
C PHE B 459 16.10 24.37 -10.80
N LEU B 460 15.64 24.20 -9.57
CA LEU B 460 15.42 22.92 -8.92
C LEU B 460 13.93 22.78 -8.61
N TRP B 461 13.38 21.59 -8.76
CA TRP B 461 11.97 21.40 -8.46
C TRP B 461 11.78 20.09 -7.71
N VAL B 462 10.61 20.00 -7.06
CA VAL B 462 10.15 18.80 -6.35
C VAL B 462 9.23 18.02 -7.28
N GLN B 463 9.55 16.74 -7.50
CA GLN B 463 8.62 15.88 -8.22
C GLN B 463 7.40 15.59 -7.35
N LEU B 464 6.24 15.45 -7.97
CA LEU B 464 5.00 15.32 -7.20
C LEU B 464 5.06 14.12 -6.26
N ALA B 465 4.51 14.29 -5.06
CA ALA B 465 4.49 13.23 -4.06
C ALA B 465 3.47 12.16 -4.45
N ASN B 466 3.52 11.03 -3.76
CA ASN B 466 2.48 10.02 -3.95
C ASN B 466 1.20 10.48 -3.27
N PHE B 467 0.07 10.34 -3.98
CA PHE B 467 -1.24 10.78 -3.50
C PHE B 467 -2.31 9.99 -4.24
N LYS B 468 -3.36 9.59 -3.51
CA LYS B 468 -4.49 8.90 -4.12
C LYS B 468 -5.46 9.93 -4.68
N ALA B 469 -5.05 10.53 -5.80
CA ALA B 469 -5.76 11.67 -6.38
C ALA B 469 -7.05 11.26 -7.07
N GLY B 470 -7.27 9.96 -7.27
CA GLY B 470 -8.47 9.52 -7.96
C GLY B 470 -8.48 9.83 -9.44
N GLY B 471 -7.30 9.94 -10.07
CA GLY B 471 -7.25 10.22 -11.49
C GLY B 471 -6.86 9.05 -12.39
N ASP B 472 -6.42 7.93 -11.80
CA ASP B 472 -5.98 6.79 -12.59
C ASP B 472 -7.16 6.03 -13.18
N LYS B 473 -7.05 5.67 -14.44
CA LYS B 473 -8.09 4.93 -15.16
C LYS B 473 -7.41 3.89 -16.03
N GLY B 474 -7.54 2.62 -15.68
CA GLY B 474 -6.89 1.59 -16.47
C GLY B 474 -5.39 1.75 -16.35
N GLU B 475 -4.71 1.92 -17.48
CA GLU B 475 -3.27 2.14 -17.44
C GLU B 475 -2.89 3.61 -17.69
N LEU B 476 -3.89 4.51 -17.74
CA LEU B 476 -3.63 5.94 -17.82
C LEU B 476 -3.55 6.52 -16.41
N SER B 477 -2.40 7.12 -16.08
CA SER B 477 -2.21 7.78 -14.80
C SER B 477 -1.74 9.21 -15.05
N PRO B 478 -2.62 10.21 -14.97
CA PRO B 478 -2.16 11.60 -15.16
C PRO B 478 -1.10 12.03 -14.16
N TRP B 479 -1.16 11.56 -12.91
CA TRP B 479 -0.13 11.97 -11.95
C TRP B 479 1.24 11.39 -12.34
N ALA B 480 1.29 10.13 -12.75
CA ALA B 480 2.56 9.58 -13.21
C ALA B 480 3.06 10.30 -14.47
N LEU B 481 2.15 10.67 -15.37
CA LEU B 481 2.54 11.41 -16.57
C LEU B 481 3.08 12.79 -16.20
N LEU B 482 2.48 13.44 -15.21
CA LEU B 482 3.02 14.69 -14.68
C LEU B 482 4.44 14.47 -14.15
N ARG B 483 4.64 13.40 -13.38
CA ARG B 483 5.97 13.13 -12.83
C ARG B 483 6.98 12.91 -13.94
N GLU B 484 6.59 12.20 -15.00
CA GLU B 484 7.46 12.04 -16.15
C GLU B 484 7.78 13.38 -16.80
N SER B 485 6.77 14.24 -16.96
CA SER B 485 7.00 15.58 -17.51
C SER B 485 8.03 16.34 -16.70
N GLN B 486 7.99 16.19 -15.38
CA GLN B 486 9.01 16.82 -14.53
C GLN B 486 10.39 16.20 -14.79
N SER B 487 10.48 14.86 -14.81
CA SER B 487 11.77 14.21 -15.04
C SER B 487 12.37 14.58 -16.39
N LYS B 488 11.53 14.69 -17.43
CA LYS B 488 12.04 15.05 -18.75
C LYS B 488 12.69 16.42 -18.75
N THR B 489 12.29 17.31 -17.84
CA THR B 489 12.81 18.67 -17.83
C THR B 489 14.26 18.72 -17.35
N LEU B 490 14.78 17.62 -16.82
CA LEU B 490 16.19 17.50 -16.45
C LEU B 490 17.13 17.60 -17.65
N ALA B 491 16.59 17.48 -18.86
CA ALA B 491 17.38 17.72 -20.06
C ALA B 491 17.90 19.14 -20.12
N LEU B 492 17.23 20.08 -19.47
CA LEU B 492 17.67 21.45 -19.50
C LEU B 492 18.93 21.59 -18.64
N PRO B 493 19.79 22.55 -18.96
CA PRO B 493 21.00 22.73 -18.17
C PRO B 493 20.71 23.36 -16.82
N ALA B 494 21.58 23.06 -15.85
CA ALA B 494 21.52 23.67 -14.52
C ALA B 494 20.17 23.38 -13.85
N THR B 495 19.70 22.15 -13.98
CA THR B 495 18.45 21.74 -13.36
C THR B 495 18.68 20.55 -12.44
N GLY B 496 17.77 20.36 -11.50
CA GLY B 496 17.81 19.20 -10.63
C GLY B 496 16.44 18.95 -10.02
N GLN B 497 16.22 17.72 -9.57
CA GLN B 497 14.89 17.28 -9.15
C GLN B 497 14.97 16.49 -7.86
N ALA B 498 14.09 16.81 -6.92
CA ALA B 498 13.91 16.03 -5.70
C ALA B 498 12.77 15.04 -5.91
N VAL B 499 13.06 13.75 -5.73
CA VAL B 499 12.04 12.70 -5.79
C VAL B 499 11.54 12.42 -4.39
N ILE B 500 10.22 12.36 -4.23
CA ILE B 500 9.65 12.22 -2.89
C ILE B 500 8.45 11.28 -2.83
N ILE B 501 8.39 10.28 -3.72
CA ILE B 501 7.26 9.33 -3.71
C ILE B 501 7.28 8.42 -2.48
N ASP B 502 8.31 8.55 -1.64
CA ASP B 502 8.40 7.77 -0.42
C ASP B 502 7.94 8.52 0.82
N ILE B 503 7.61 9.80 0.72
CA ILE B 503 7.34 10.59 1.91
C ILE B 503 6.08 11.40 1.74
N GLY B 504 5.23 10.99 0.80
CA GLY B 504 3.93 11.60 0.66
C GLY B 504 2.92 11.02 1.64
N ASN B 505 1.67 11.40 1.43
CA ASN B 505 0.55 10.92 2.23
C ASN B 505 -0.52 10.46 1.26
N PRO B 506 -0.82 9.15 1.22
CA PRO B 506 -1.82 8.67 0.24
C PRO B 506 -3.17 9.35 0.37
N THR B 507 -3.54 9.83 1.56
CA THR B 507 -4.86 10.42 1.78
C THR B 507 -4.81 11.93 2.02
N ASP B 508 -3.71 12.60 1.64
CA ASP B 508 -3.74 14.06 1.75
C ASP B 508 -2.76 14.64 0.74
N ILE B 509 -3.25 15.59 -0.06
CA ILE B 509 -2.38 16.21 -1.07
C ILE B 509 -1.29 17.05 -0.44
N HIS B 510 -1.34 17.26 0.88
CA HIS B 510 -0.38 18.07 1.63
C HIS B 510 0.34 17.20 2.66
N PRO B 511 1.36 16.44 2.25
CA PRO B 511 2.11 15.65 3.25
C PRO B 511 2.93 16.56 4.15
N THR B 512 3.02 16.21 5.42
CA THR B 512 3.64 17.14 6.36
C THR B 512 5.14 16.93 6.55
N ASN B 513 5.73 15.91 5.94
CA ASN B 513 7.19 15.74 5.99
C ASN B 513 7.81 16.67 4.95
N LYS B 514 8.14 17.88 5.39
CA LYS B 514 8.84 18.81 4.52
C LYS B 514 10.34 18.84 4.77
N ARG B 515 10.80 18.35 5.93
CA ARG B 515 12.24 18.35 6.20
C ARG B 515 13.01 17.53 5.17
N ASP B 516 12.48 16.35 4.81
CA ASP B 516 13.19 15.52 3.84
C ASP B 516 13.13 16.14 2.46
N VAL B 517 12.04 16.86 2.15
CA VAL B 517 11.97 17.60 0.89
C VAL B 517 13.08 18.64 0.84
N GLY B 518 13.22 19.45 1.89
CA GLY B 518 14.29 20.43 1.93
C GLY B 518 15.67 19.81 1.83
N HIS B 519 15.87 18.65 2.48
CA HIS B 519 17.16 17.98 2.41
C HIS B 519 17.50 17.58 0.96
N ARG B 520 16.52 17.05 0.25
CA ARG B 520 16.77 16.57 -1.11
C ARG B 520 16.95 17.70 -2.11
N LEU B 521 16.20 18.80 -1.94
CA LEU B 521 16.45 19.97 -2.77
C LEU B 521 17.85 20.52 -2.51
N ALA B 522 18.29 20.52 -1.25
CA ALA B 522 19.58 21.11 -0.92
C ALA B 522 20.73 20.27 -1.46
N LEU B 523 20.56 18.95 -1.51
CA LEU B 523 21.55 18.14 -2.21
C LEU B 523 21.68 18.59 -3.65
N ALA B 524 20.55 18.72 -4.34
CA ALA B 524 20.58 19.15 -5.73
C ALA B 524 21.19 20.54 -5.86
N ALA B 525 20.81 21.44 -4.95
CA ALA B 525 21.36 22.79 -4.96
C ALA B 525 22.88 22.76 -4.81
N ARG B 526 23.38 21.98 -3.87
CA ARG B 526 24.83 21.94 -3.66
C ARG B 526 25.58 21.47 -4.90
N HIS B 527 24.99 20.57 -5.68
CA HIS B 527 25.64 20.19 -6.94
C HIS B 527 25.45 21.25 -8.00
N VAL B 528 24.21 21.70 -8.22
CA VAL B 528 23.90 22.49 -9.42
C VAL B 528 24.32 23.95 -9.24
N ALA B 529 24.11 24.50 -8.04
CA ALA B 529 24.38 25.90 -7.80
C ALA B 529 25.73 26.16 -7.14
N TYR B 530 26.22 25.21 -6.34
CA TYR B 530 27.47 25.41 -5.63
C TYR B 530 28.59 24.54 -6.18
N GLY B 531 28.34 23.83 -7.28
CA GLY B 531 29.39 23.08 -7.95
C GLY B 531 30.05 22.01 -7.12
N GLU B 532 29.36 21.47 -6.13
CA GLU B 532 29.88 20.37 -5.33
C GLU B 532 29.63 19.05 -6.03
N THR B 533 30.52 18.10 -5.78
CA THR B 533 30.35 16.73 -6.23
C THR B 533 29.94 15.89 -5.02
N LEU B 534 28.74 15.31 -5.09
CA LEU B 534 28.16 14.54 -3.99
C LEU B 534 27.03 13.70 -4.56
N VAL B 535 26.52 12.79 -3.75
CA VAL B 535 25.38 11.97 -4.15
C VAL B 535 24.13 12.83 -3.95
N TYR B 536 23.59 13.38 -5.05
CA TYR B 536 22.45 14.27 -4.97
C TYR B 536 21.22 13.73 -5.66
N SER B 537 21.34 12.60 -6.35
CA SER B 537 20.24 11.95 -7.03
C SER B 537 20.37 10.45 -6.83
N ALA B 538 19.22 9.78 -6.75
CA ALA B 538 19.20 8.34 -6.86
C ALA B 538 19.56 7.96 -8.29
N PRO B 539 19.82 6.69 -8.55
CA PRO B 539 20.09 6.26 -9.94
C PRO B 539 18.94 6.60 -10.86
N VAL B 540 19.27 6.84 -12.13
CA VAL B 540 18.32 7.31 -13.13
C VAL B 540 18.25 6.30 -14.26
N PHE B 541 17.04 5.90 -14.63
CA PHE B 541 16.87 4.98 -15.74
C PHE B 541 17.41 5.61 -17.02
N LYS B 542 18.22 4.85 -17.75
CA LYS B 542 18.79 5.34 -19.01
C LYS B 542 18.41 4.52 -20.23
N ARG B 543 18.41 3.18 -20.16
CA ARG B 543 18.26 2.38 -21.38
C ARG B 543 17.66 1.01 -21.09
N ALA B 544 16.98 0.45 -22.08
CA ALA B 544 16.25 -0.80 -21.92
C ALA B 544 16.40 -1.66 -23.17
N SER B 545 16.53 -2.97 -22.94
CA SER B 545 16.48 -3.96 -24.02
C SER B 545 15.66 -5.15 -23.57
N PHE B 546 14.92 -5.70 -24.51
CA PHE B 546 13.95 -6.76 -24.25
C PHE B 546 14.38 -7.98 -25.06
N ASP B 547 14.87 -9.01 -24.37
CA ASP B 547 15.44 -10.18 -25.04
C ASP B 547 15.18 -11.38 -24.16
N GLY B 548 14.74 -12.48 -24.78
CA GLY B 548 14.63 -13.75 -24.05
C GLY B 548 13.61 -13.75 -22.94
N GLY B 549 12.48 -13.07 -23.12
CA GLY B 549 11.42 -13.05 -22.13
C GLY B 549 11.66 -12.16 -20.93
N LYS B 550 12.70 -11.33 -20.96
CA LYS B 550 13.04 -10.45 -19.85
C LYS B 550 13.37 -9.07 -20.37
N ALA B 551 13.37 -8.09 -19.47
CA ALA B 551 13.86 -6.76 -19.75
C ALA B 551 15.09 -6.49 -18.89
N VAL B 552 16.10 -5.83 -19.48
CA VAL B 552 17.29 -5.42 -18.75
C VAL B 552 17.36 -3.90 -18.79
N LEU B 553 17.27 -3.27 -17.63
CA LEU B 553 17.22 -1.82 -17.53
C LEU B 553 18.60 -1.33 -17.09
N GLY B 554 19.18 -0.42 -17.86
CA GLY B 554 20.44 0.19 -17.49
C GLY B 554 20.19 1.51 -16.79
N PHE B 555 20.89 1.71 -15.68
CA PHE B 555 20.81 2.91 -14.85
C PHE B 555 22.14 3.65 -14.83
N ASP B 556 22.07 4.99 -14.79
CA ASP B 556 23.18 5.82 -14.34
C ASP B 556 23.14 5.82 -12.81
N LEU B 557 24.18 5.28 -12.18
CA LEU B 557 24.06 5.04 -10.74
C LEU B 557 24.24 6.30 -9.91
N GLN B 558 24.69 7.42 -10.52
CA GLN B 558 24.76 8.71 -9.84
C GLN B 558 25.58 8.66 -8.55
N GLY B 559 26.69 7.93 -8.60
CA GLY B 559 27.66 7.96 -7.52
C GLY B 559 27.37 7.01 -6.39
N SER B 560 26.39 6.12 -6.52
CA SER B 560 25.98 5.26 -5.43
C SER B 560 25.70 3.85 -5.95
N ALA B 561 24.80 3.12 -5.30
CA ALA B 561 24.44 1.78 -5.73
C ALA B 561 22.99 1.52 -5.36
N LEU B 562 22.37 0.59 -6.08
CA LEU B 562 20.95 0.31 -5.89
C LEU B 562 20.69 -0.56 -4.68
N GLN B 563 19.68 -0.19 -3.89
CA GLN B 563 19.26 -0.96 -2.74
C GLN B 563 17.75 -1.02 -2.74
N VAL B 564 17.20 -1.80 -1.82
CA VAL B 564 15.77 -1.95 -1.62
C VAL B 564 15.42 -1.39 -0.25
N ARG B 565 14.52 -0.42 -0.19
CA ARG B 565 14.16 0.18 1.08
C ARG B 565 13.59 -0.89 2.01
N GLY B 566 14.16 -0.96 3.22
CA GLY B 566 13.72 -1.94 4.18
C GLY B 566 14.02 -3.37 3.81
N GLY B 567 14.83 -3.60 2.77
CA GLY B 567 15.16 -4.95 2.37
C GLY B 567 13.97 -5.67 1.78
N GLY B 568 14.24 -6.89 1.32
CA GLY B 568 13.21 -7.69 0.71
C GLY B 568 13.27 -7.61 -0.81
N ALA B 569 12.17 -8.06 -1.43
CA ALA B 569 12.06 -8.06 -2.89
C ALA B 569 11.79 -6.65 -3.41
N VAL B 570 12.33 -6.36 -4.59
CA VAL B 570 12.06 -5.09 -5.25
C VAL B 570 10.60 -5.05 -5.66
N GLN B 571 9.90 -4.01 -5.25
CA GLN B 571 8.52 -3.78 -5.67
C GLN B 571 8.44 -2.51 -6.51
N GLY B 572 7.32 -2.36 -7.23
CA GLY B 572 7.07 -1.19 -8.04
C GLY B 572 7.13 -1.43 -9.53
N PHE B 573 7.65 -2.56 -9.99
CA PHE B 573 7.77 -2.82 -11.41
C PHE B 573 6.55 -3.56 -11.94
N ARG B 574 6.14 -3.20 -13.15
CA ARG B 574 5.14 -3.93 -13.91
C ARG B 574 5.64 -4.04 -15.34
N ILE B 575 5.24 -5.10 -16.03
CA ILE B 575 5.82 -5.39 -17.33
C ILE B 575 4.70 -5.81 -18.28
N ALA B 576 4.83 -5.44 -19.55
CA ALA B 576 3.77 -5.71 -20.52
C ALA B 576 4.34 -6.17 -21.86
N GLY B 577 3.62 -7.07 -22.51
CA GLY B 577 3.86 -7.39 -23.90
C GLY B 577 3.26 -6.32 -24.80
N ALA B 578 3.30 -6.60 -26.10
CA ALA B 578 2.77 -5.63 -27.07
C ALA B 578 1.27 -5.37 -26.87
N ASP B 579 0.54 -6.26 -26.20
CA ASP B 579 -0.88 -5.99 -25.96
C ASP B 579 -1.12 -4.86 -24.97
N GLN B 580 -0.08 -4.28 -24.37
CA GLN B 580 -0.18 -3.21 -23.37
C GLN B 580 -0.85 -3.66 -22.09
N ARG B 581 -0.96 -4.96 -21.84
CA ARG B 581 -1.51 -5.47 -20.58
C ARG B 581 -0.36 -5.64 -19.58
N PHE B 582 -0.29 -4.74 -18.61
CA PHE B 582 0.76 -4.82 -17.61
C PHE B 582 0.43 -5.86 -16.56
N HIS B 583 1.46 -6.54 -16.08
CA HIS B 583 1.45 -7.57 -15.05
C HIS B 583 2.48 -7.23 -13.98
N PRO B 584 2.23 -7.60 -12.72
CA PRO B 584 3.26 -7.43 -11.69
C PRO B 584 4.51 -8.22 -12.04
N ALA B 585 5.66 -7.59 -11.83
CA ALA B 585 6.93 -8.15 -12.28
C ALA B 585 7.85 -8.35 -11.10
N THR B 586 8.75 -9.32 -11.21
CA THR B 586 9.85 -9.46 -10.27
C THR B 586 11.08 -8.79 -10.87
N ALA B 587 11.96 -8.30 -10.00
CA ALA B 587 13.06 -7.48 -10.45
C ALA B 587 14.30 -7.81 -9.64
N GLN B 588 15.45 -7.86 -10.29
CA GLN B 588 16.71 -8.23 -9.66
C GLN B 588 17.77 -7.19 -9.96
N ILE B 589 18.45 -6.71 -8.93
CA ILE B 589 19.51 -5.71 -9.07
C ILE B 589 20.82 -6.41 -9.37
N ASP B 590 21.53 -5.93 -10.40
CA ASP B 590 22.87 -6.43 -10.74
C ASP B 590 23.73 -5.24 -11.18
N GLY B 591 24.35 -4.57 -10.21
CA GLY B 591 25.18 -3.42 -10.55
C GLY B 591 24.31 -2.28 -11.06
N ASP B 592 24.64 -1.76 -12.24
CA ASP B 592 23.83 -0.70 -12.83
C ASP B 592 22.71 -1.26 -13.71
N ARG B 593 22.37 -2.52 -13.54
CA ARG B 593 21.29 -3.12 -14.28
C ARG B 593 20.25 -3.63 -13.29
N VAL B 594 18.99 -3.53 -13.72
CA VAL B 594 17.88 -4.22 -13.07
C VAL B 594 17.25 -5.12 -14.11
N ILE B 595 17.08 -6.40 -13.76
CA ILE B 595 16.49 -7.38 -14.65
C ILE B 595 15.06 -7.61 -14.18
N VAL B 596 14.10 -7.45 -15.09
CA VAL B 596 12.68 -7.40 -14.76
C VAL B 596 11.97 -8.45 -15.62
N ARG B 597 11.10 -9.24 -14.99
CA ARG B 597 10.41 -10.28 -15.74
C ARG B 597 9.10 -10.63 -15.06
N SER B 598 8.29 -11.39 -15.78
CA SER B 598 7.08 -11.99 -15.24
C SER B 598 6.81 -13.26 -16.02
N ASP B 599 6.42 -14.32 -15.30
CA ASP B 599 6.07 -15.58 -15.95
C ASP B 599 4.85 -15.45 -16.86
N ALA B 600 4.02 -14.43 -16.67
CA ALA B 600 2.86 -14.22 -17.51
C ALA B 600 3.15 -13.40 -18.77
N VAL B 601 4.38 -12.97 -18.98
CA VAL B 601 4.73 -12.05 -20.07
C VAL B 601 5.88 -12.69 -20.83
N ALA B 602 5.58 -13.41 -21.90
CA ALA B 602 6.62 -14.15 -22.60
C ALA B 602 7.45 -13.26 -23.53
N ALA B 603 6.85 -12.22 -24.11
CA ALA B 603 7.56 -11.31 -25.02
C ALA B 603 7.36 -9.88 -24.53
N PRO B 604 8.04 -9.50 -23.48
CA PRO B 604 7.87 -8.15 -22.95
C PRO B 604 8.46 -7.09 -23.87
N VAL B 605 7.80 -5.93 -23.91
CA VAL B 605 8.26 -4.77 -24.68
C VAL B 605 8.20 -3.48 -23.86
N ALA B 606 7.60 -3.52 -22.66
CA ALA B 606 7.50 -2.31 -21.87
C ALA B 606 7.62 -2.61 -20.39
N VAL B 607 8.32 -1.72 -19.68
CA VAL B 607 8.44 -1.77 -18.23
C VAL B 607 8.02 -0.42 -17.68
N ARG B 608 7.24 -0.45 -16.60
CA ARG B 608 6.90 0.75 -15.83
C ARG B 608 7.29 0.52 -14.38
N TYR B 609 7.89 1.54 -13.76
CA TYR B 609 8.34 1.52 -12.36
C TYR B 609 7.63 2.63 -11.60
N GLY B 610 6.86 2.26 -10.58
CA GLY B 610 6.13 3.23 -9.77
C GLY B 610 5.18 4.09 -10.59
N TRP B 611 4.57 3.51 -11.62
CA TRP B 611 3.79 4.31 -12.56
C TRP B 611 2.33 4.30 -12.10
N SER B 612 2.04 5.08 -11.06
CA SER B 612 0.65 5.27 -10.63
C SER B 612 0.58 6.57 -9.84
N GLU B 613 -0.64 6.95 -9.45
CA GLU B 613 -0.74 8.20 -8.72
C GLU B 613 -0.21 8.06 -7.31
N ASN B 614 -0.26 6.86 -6.74
CA ASN B 614 0.18 6.63 -5.37
C ASN B 614 1.12 5.44 -5.33
N PRO B 615 2.33 5.59 -5.82
CA PRO B 615 3.23 4.43 -5.88
C PRO B 615 3.98 4.23 -4.56
N ASP B 616 3.22 4.06 -3.47
CA ASP B 616 3.87 3.94 -2.17
C ASP B 616 4.49 2.56 -1.94
N ASP B 617 4.32 1.62 -2.87
CA ASP B 617 4.99 0.33 -2.76
C ASP B 617 6.41 0.37 -3.35
N ALA B 618 6.65 1.25 -4.32
CA ALA B 618 7.94 1.33 -4.98
C ALA B 618 9.04 1.58 -3.97
N ASN B 619 10.10 0.75 -4.00
CA ASN B 619 11.08 0.77 -2.92
C ASN B 619 12.53 0.73 -3.42
N LEU B 620 12.76 1.03 -4.70
CA LEU B 620 14.12 1.11 -5.21
C LEU B 620 14.77 2.41 -4.77
N ILE B 621 15.95 2.32 -4.15
CA ILE B 621 16.67 3.46 -3.59
C ILE B 621 18.16 3.30 -3.87
N ASN B 622 18.94 4.31 -3.50
CA ASN B 622 20.38 4.16 -3.42
C ASN B 622 20.79 3.94 -1.95
N ARG B 623 22.10 3.87 -1.71
CA ARG B 623 22.61 3.63 -0.37
C ARG B 623 22.34 4.79 0.58
N ASP B 624 22.07 6.00 0.07
CA ASP B 624 21.71 7.16 0.88
C ASP B 624 20.21 7.27 1.12
N ALA B 625 19.44 6.28 0.68
CA ALA B 625 17.98 6.19 0.82
C ALA B 625 17.24 7.23 -0.02
N LEU B 626 17.92 7.81 -1.01
CA LEU B 626 17.22 8.61 -2.01
C LEU B 626 16.45 7.68 -2.94
N PRO B 627 15.19 7.98 -3.24
CA PRO B 627 14.39 7.04 -4.05
C PRO B 627 14.59 7.28 -5.54
N VAL B 628 14.66 6.18 -6.28
CA VAL B 628 14.69 6.24 -7.73
C VAL B 628 13.38 6.81 -8.23
N SER B 629 13.46 7.71 -9.21
CA SER B 629 12.27 8.30 -9.79
C SER B 629 11.44 7.26 -10.53
N PRO B 630 10.11 7.34 -10.44
CA PRO B 630 9.25 6.53 -11.33
C PRO B 630 9.61 6.80 -12.78
N PHE B 631 9.39 5.80 -13.64
CA PHE B 631 9.71 5.92 -15.05
C PHE B 631 8.97 4.83 -15.81
N ARG B 632 9.04 4.93 -17.13
CA ARG B 632 8.52 3.91 -18.03
C ARG B 632 9.41 3.87 -19.26
N THR B 633 9.32 2.79 -20.02
CA THR B 633 10.05 2.67 -21.27
C THR B 633 9.19 2.98 -22.50
N ASP B 634 7.88 2.92 -22.35
CA ASP B 634 6.94 3.12 -23.45
C ASP B 634 6.52 4.58 -23.52
N THR B 635 5.79 4.92 -24.58
CA THR B 635 5.11 6.22 -24.69
C THR B 635 3.62 6.02 -24.96
N TRP B 636 3.08 4.90 -24.49
CA TRP B 636 1.66 4.61 -24.60
C TRP B 636 0.78 5.59 -23.83
#